data_402D
# 
_entry.id   402D 
# 
_audit_conform.dict_name       mmcif_pdbx.dic 
_audit_conform.dict_version    5.387 
_audit_conform.dict_location   http://mmcif.pdb.org/dictionaries/ascii/mmcif_pdbx.dic 
# 
loop_
_database_2.database_id 
_database_2.database_code 
_database_2.pdbx_database_accession 
_database_2.pdbx_DOI 
PDB   402D         pdb_0000402d 10.2210/pdb402d/pdb 
RCSB  AR0001       ?            ?                   
WWPDB D_1000179203 ?            ?                   
# 
loop_
_pdbx_audit_revision_history.ordinal 
_pdbx_audit_revision_history.data_content_type 
_pdbx_audit_revision_history.major_revision 
_pdbx_audit_revision_history.minor_revision 
_pdbx_audit_revision_history.revision_date 
1 'Structure model' 1 0 1998-06-16 
2 'Structure model' 1 1 2008-05-22 
3 'Structure model' 1 2 2011-07-13 
4 'Structure model' 1 3 2024-02-28 
# 
_pdbx_audit_revision_details.ordinal             1 
_pdbx_audit_revision_details.revision_ordinal    1 
_pdbx_audit_revision_details.data_content_type   'Structure model' 
_pdbx_audit_revision_details.provider            repository 
_pdbx_audit_revision_details.type                'Initial release' 
_pdbx_audit_revision_details.description         ? 
_pdbx_audit_revision_details.details             ? 
# 
loop_
_pdbx_audit_revision_group.ordinal 
_pdbx_audit_revision_group.revision_ordinal 
_pdbx_audit_revision_group.data_content_type 
_pdbx_audit_revision_group.group 
1 2 'Structure model' 'Version format compliance' 
2 3 'Structure model' 'Version format compliance' 
3 4 'Structure model' 'Data collection'           
4 4 'Structure model' 'Database references'       
# 
loop_
_pdbx_audit_revision_category.ordinal 
_pdbx_audit_revision_category.revision_ordinal 
_pdbx_audit_revision_category.data_content_type 
_pdbx_audit_revision_category.category 
1 4 'Structure model' chem_comp_atom 
2 4 'Structure model' chem_comp_bond 
3 4 'Structure model' database_2     
# 
loop_
_pdbx_audit_revision_item.ordinal 
_pdbx_audit_revision_item.revision_ordinal 
_pdbx_audit_revision_item.data_content_type 
_pdbx_audit_revision_item.item 
1 4 'Structure model' '_database_2.pdbx_DOI'                
2 4 'Structure model' '_database_2.pdbx_database_accession' 
# 
_pdbx_database_status.status_code                     REL 
_pdbx_database_status.entry_id                        402D 
_pdbx_database_status.recvd_initial_deposition_date   1998-06-04 
_pdbx_database_status.deposit_site                    NDB 
_pdbx_database_status.process_site                    NDB 
_pdbx_database_status.status_code_sf                  REL 
_pdbx_database_status.status_code_mr                  ? 
_pdbx_database_status.SG_entry                        ? 
_pdbx_database_status.pdb_format_compatible           Y 
_pdbx_database_status.status_code_cs                  ? 
_pdbx_database_status.status_code_nmr_data            ? 
_pdbx_database_status.methods_development_category    ? 
# 
loop_
_audit_author.name 
_audit_author.pdbx_ordinal 
'Jang, S.B.'     1 
'Hung, L.-W.'    2 
'Chi, Y.-I.'     3 
'Holbrook, E.L.' 4 
'Carter, R.'     5 
'Holbrook, S.R.' 6 
# 
_citation.id                        primary 
_citation.title                     'Structure of an RNA internal loop consisting of tandem C-A+ base pairs.' 
_citation.journal_abbrev            Biochemistry 
_citation.journal_volume            37 
_citation.page_first                11726 
_citation.page_last                 11731 
_citation.year                      1998 
_citation.journal_id_ASTM           BICHAW 
_citation.country                   US 
_citation.journal_id_ISSN           0006-2960 
_citation.journal_id_CSD            0033 
_citation.book_publisher            ? 
_citation.pdbx_database_id_PubMed   9718295 
_citation.pdbx_database_id_DOI      10.1021/bi980758j 
# 
loop_
_citation_author.citation_id 
_citation_author.name 
_citation_author.ordinal 
_citation_author.identifier_ORCID 
primary 'Jang, S.B.'     1 ? 
primary 'Hung, L.W.'     2 ? 
primary 'Chi, Y.I.'      3 ? 
primary 'Holbrook, E.L.' 4 ? 
primary 'Carter, R.J.'   5 ? 
primary 'Holbrook, S.R.' 6 ? 
# 
loop_
_entity.id 
_entity.type 
_entity.src_method 
_entity.pdbx_description 
_entity.formula_weight 
_entity.pdbx_number_of_molecules 
_entity.pdbx_ec 
_entity.pdbx_mutation 
_entity.pdbx_fragment 
_entity.details 
1 polymer syn "RNA(5'-R(*CP*GP*CP*CP*AP*GP*CP*G)-3')" 2540.593 2  ? ? ? ? 
2 water   nat water                                   18.015   30 ? ? ? ? 
# 
_entity_poly.entity_id                      1 
_entity_poly.type                           polyribonucleotide 
_entity_poly.nstd_linkage                   no 
_entity_poly.nstd_monomer                   no 
_entity_poly.pdbx_seq_one_letter_code       CGCCAGCG 
_entity_poly.pdbx_seq_one_letter_code_can   CGCCAGCG 
_entity_poly.pdbx_strand_id                 A,B 
_entity_poly.pdbx_target_identifier         ? 
# 
_pdbx_entity_nonpoly.entity_id   2 
_pdbx_entity_nonpoly.name        water 
_pdbx_entity_nonpoly.comp_id     HOH 
# 
loop_
_entity_poly_seq.entity_id 
_entity_poly_seq.num 
_entity_poly_seq.mon_id 
_entity_poly_seq.hetero 
1 1 C n 
1 2 G n 
1 3 C n 
1 4 C n 
1 5 A n 
1 6 G n 
1 7 C n 
1 8 G n 
# 
loop_
_chem_comp.id 
_chem_comp.type 
_chem_comp.mon_nstd_flag 
_chem_comp.name 
_chem_comp.pdbx_synonyms 
_chem_comp.formula 
_chem_comp.formula_weight 
A   'RNA linking' y "ADENOSINE-5'-MONOPHOSPHATE" ? 'C10 H14 N5 O7 P' 347.221 
C   'RNA linking' y "CYTIDINE-5'-MONOPHOSPHATE"  ? 'C9 H14 N3 O8 P'  323.197 
G   'RNA linking' y "GUANOSINE-5'-MONOPHOSPHATE" ? 'C10 H14 N5 O8 P' 363.221 
HOH non-polymer   . WATER                        ? 'H2 O'            18.015  
# 
loop_
_pdbx_poly_seq_scheme.asym_id 
_pdbx_poly_seq_scheme.entity_id 
_pdbx_poly_seq_scheme.seq_id 
_pdbx_poly_seq_scheme.mon_id 
_pdbx_poly_seq_scheme.ndb_seq_num 
_pdbx_poly_seq_scheme.pdb_seq_num 
_pdbx_poly_seq_scheme.auth_seq_num 
_pdbx_poly_seq_scheme.pdb_mon_id 
_pdbx_poly_seq_scheme.auth_mon_id 
_pdbx_poly_seq_scheme.pdb_strand_id 
_pdbx_poly_seq_scheme.pdb_ins_code 
_pdbx_poly_seq_scheme.hetero 
A 1 1 C 1 101 101 C C A . n 
A 1 2 G 2 102 102 G G A . n 
A 1 3 C 3 103 103 C C A . n 
A 1 4 C 4 104 104 C C A . n 
A 1 5 A 5 105 105 A A A . n 
A 1 6 G 6 106 106 G G A . n 
A 1 7 C 7 107 107 C C A . n 
A 1 8 G 8 108 108 G G A . n 
B 1 1 C 1 109 109 C C B . n 
B 1 2 G 2 110 110 G G B . n 
B 1 3 C 3 111 111 C C B . n 
B 1 4 C 4 112 112 C C B . n 
B 1 5 A 5 113 113 A A B . n 
B 1 6 G 6 114 114 G G B . n 
B 1 7 C 7 115 115 C C B . n 
B 1 8 G 8 116 116 G G B . n 
# 
loop_
_pdbx_nonpoly_scheme.asym_id 
_pdbx_nonpoly_scheme.entity_id 
_pdbx_nonpoly_scheme.mon_id 
_pdbx_nonpoly_scheme.ndb_seq_num 
_pdbx_nonpoly_scheme.pdb_seq_num 
_pdbx_nonpoly_scheme.auth_seq_num 
_pdbx_nonpoly_scheme.pdb_mon_id 
_pdbx_nonpoly_scheme.auth_mon_id 
_pdbx_nonpoly_scheme.pdb_strand_id 
_pdbx_nonpoly_scheme.pdb_ins_code 
C 2 HOH 1  501 501 HOH HOH A . 
C 2 HOH 2  506 506 HOH HOH A . 
C 2 HOH 3  507 507 HOH HOH A . 
C 2 HOH 4  508 508 HOH HOH A . 
C 2 HOH 5  509 509 HOH HOH A . 
C 2 HOH 6  511 511 HOH HOH A . 
C 2 HOH 7  513 513 HOH HOH A . 
C 2 HOH 8  514 514 HOH HOH A . 
C 2 HOH 9  515 515 HOH HOH A . 
C 2 HOH 10 518 518 HOH HOH A . 
C 2 HOH 11 521 521 HOH HOH A . 
C 2 HOH 12 523 523 HOH HOH A . 
C 2 HOH 13 527 527 HOH HOH A . 
C 2 HOH 14 529 529 HOH HOH A . 
D 2 HOH 1  502 502 HOH HOH B . 
D 2 HOH 2  503 503 HOH HOH B . 
D 2 HOH 3  504 504 HOH HOH B . 
D 2 HOH 4  505 505 HOH HOH B . 
D 2 HOH 5  510 510 HOH HOH B . 
D 2 HOH 6  512 512 HOH HOH B . 
D 2 HOH 7  516 516 HOH HOH B . 
D 2 HOH 8  517 517 HOH HOH B . 
D 2 HOH 9  519 519 HOH HOH B . 
D 2 HOH 10 520 520 HOH HOH B . 
D 2 HOH 11 522 522 HOH HOH B . 
D 2 HOH 12 524 524 HOH HOH B . 
D 2 HOH 13 525 525 HOH HOH B . 
D 2 HOH 14 526 526 HOH HOH B . 
D 2 HOH 15 528 528 HOH HOH B . 
D 2 HOH 16 530 530 HOH HOH B . 
# 
loop_
_software.name 
_software.classification 
_software.version 
_software.citation_id 
_software.pdbx_ordinal 
CNS       refinement       . ? 1 
DENZO     'data reduction' . ? 2 
SCALEPACK 'data scaling'   . ? 3 
# 
_cell.entry_id           402D 
_cell.length_a           42.737 
_cell.length_b           42.737 
_cell.length_c           123.900 
_cell.angle_alpha        90.00 
_cell.angle_beta         90.00 
_cell.angle_gamma        120.00 
_cell.Z_PDB              36 
_cell.pdbx_unique_axis   ? 
# 
_symmetry.entry_id                         402D 
_symmetry.space_group_name_H-M             'H 3 2' 
_symmetry.pdbx_full_space_group_name_H-M   ? 
_symmetry.cell_setting                     ? 
_symmetry.Int_Tables_number                155 
# 
_exptl.entry_id          402D 
_exptl.method            'X-RAY DIFFRACTION' 
_exptl.crystals_number   1 
# 
_exptl_crystal.id                    1 
_exptl_crystal.density_meas          ? 
_exptl_crystal.density_Matthews      2.16 
_exptl_crystal.density_percent_sol   42.7000 
_exptl_crystal.description           ? 
# 
_exptl_crystal_grow.crystal_id      1 
_exptl_crystal_grow.method          'VAPOR DIFFUSION, HANGING DROP' 
_exptl_crystal_grow.temp            ? 
_exptl_crystal_grow.temp_details    ? 
_exptl_crystal_grow.pH              5.50 
_exptl_crystal_grow.pdbx_details    'pH 5.50, VAPOR DIFFUSION, HANGING DROP' 
_exptl_crystal_grow.pdbx_pH_range   ? 
# 
loop_
_exptl_crystal_grow_comp.crystal_id 
_exptl_crystal_grow_comp.id 
_exptl_crystal_grow_comp.sol_id 
_exptl_crystal_grow_comp.name 
_exptl_crystal_grow_comp.volume 
_exptl_crystal_grow_comp.conc 
_exptl_crystal_grow_comp.details 
1 1 1 WATER                         ? ? ? 
1 2 1 NACL                          ? ? ? 
1 3 1 MGCL2                         ? ? ? 
1 4 1 'SPERMINE TETRAHYDROCHLORIDE' ? ? ? 
1 5 1 'PRECIPITATING SOLUTION'      ? ? ? 
1 6 2 MPD                           ? ? ? 
1 7 2 'NA CACODYLATE'               ? ? ? 
# 
_diffrn.id                     1 
_diffrn.ambient_temp           100.00 
_diffrn.ambient_temp_details   ? 
_diffrn.crystal_id             1 
# 
_diffrn_detector.diffrn_id              1 
_diffrn_detector.detector               'IMAGE PLATE' 
_diffrn_detector.type                   'RIGAKU RAXIS IIC' 
_diffrn_detector.pdbx_collection_date   1998-01-01 
_diffrn_detector.details                ? 
# 
_diffrn_radiation.diffrn_id                        1 
_diffrn_radiation.wavelength_id                    1 
_diffrn_radiation.pdbx_monochromatic_or_laue_m_l   M 
_diffrn_radiation.monochromator                    ? 
_diffrn_radiation.pdbx_diffrn_protocol             'SINGLE WAVELENGTH' 
_diffrn_radiation.pdbx_scattering_type             x-ray 
# 
_diffrn_radiation_wavelength.id           1 
_diffrn_radiation_wavelength.wavelength   . 
_diffrn_radiation_wavelength.wt           1.0 
# 
_diffrn_source.diffrn_id                   1 
_diffrn_source.source                      'ROTATING ANODE' 
_diffrn_source.type                        RIGAKU 
_diffrn_source.pdbx_synchrotron_site       ? 
_diffrn_source.pdbx_synchrotron_beamline   ? 
_diffrn_source.pdbx_wavelength             ? 
_diffrn_source.pdbx_wavelength_list        ? 
# 
_reflns.entry_id                     402D 
_reflns.observed_criterion_sigma_I   0.000 
_reflns.observed_criterion_sigma_F   ? 
_reflns.d_resolution_low             30.000 
_reflns.d_resolution_high            2.300 
_reflns.number_obs                   2101 
_reflns.number_all                   ? 
_reflns.percent_possible_obs         96.800 
_reflns.pdbx_Rmerge_I_obs            0.0440000 
_reflns.pdbx_Rsym_value              ? 
_reflns.pdbx_netI_over_sigmaI        ? 
_reflns.B_iso_Wilson_estimate        ? 
_reflns.pdbx_redundancy              11.90 
_reflns.pdbx_diffrn_id               1 
_reflns.pdbx_ordinal                 1 
# 
_refine.entry_id                                 402D 
_refine.ls_number_reflns_obs                     1695 
_refine.ls_number_reflns_all                     1695 
_refine.pdbx_ls_sigma_I                          ? 
_refine.pdbx_ls_sigma_F                          2.500 
_refine.pdbx_data_cutoff_high_absF               10000.000 
_refine.pdbx_data_cutoff_low_absF                ? 
_refine.pdbx_data_cutoff_high_rms_absF           ? 
_refine.ls_d_res_low                             8.000 
_refine.ls_d_res_high                            2.300 
_refine.ls_percent_reflns_obs                    83.000 
_refine.ls_R_factor_obs                          0.2070000 
_refine.ls_R_factor_all                          ? 
_refine.ls_R_factor_R_work                       0.2070000 
_refine.ls_R_factor_R_free                       0.2630000 
_refine.ls_R_factor_R_free_error                 ? 
_refine.ls_R_factor_R_free_error_details         ? 
_refine.ls_percent_reflns_R_free                 7.100 
_refine.ls_number_reflns_R_free                  146 
_refine.ls_number_parameters                     ? 
_refine.ls_number_restraints                     ? 
_refine.occupancy_min                            1.00 
_refine.occupancy_max                            1.00 
_refine.B_iso_mean                               ? 
_refine.aniso_B[1][1]                            ? 
_refine.aniso_B[2][2]                            ? 
_refine.aniso_B[3][3]                            ? 
_refine.aniso_B[1][2]                            ? 
_refine.aniso_B[1][3]                            ? 
_refine.aniso_B[2][3]                            ? 
_refine.solvent_model_details                    'BULK SOLVENT' 
_refine.solvent_model_param_ksol                 0.450 
_refine.solvent_model_param_bsol                 57.10 
_refine.pdbx_ls_cross_valid_method               ? 
_refine.details                                  ? 
_refine.pdbx_starting_model                      ? 
_refine.pdbx_method_to_determine_struct          ? 
_refine.pdbx_isotropic_thermal_model             ISOTROPIC 
_refine.pdbx_stereochemistry_target_values       ? 
_refine.pdbx_stereochem_target_val_spec_case     ? 
_refine.pdbx_R_Free_selection_details            ? 
_refine.pdbx_overall_ESU_R                       ? 
_refine.pdbx_overall_ESU_R_Free                  ? 
_refine.overall_SU_ML                            ? 
_refine.overall_SU_B                             ? 
_refine.pdbx_refine_id                           'X-RAY DIFFRACTION' 
_refine.pdbx_diffrn_id                           1 
_refine.pdbx_TLS_residual_ADP_flag               ? 
_refine.correlation_coeff_Fo_to_Fc               ? 
_refine.correlation_coeff_Fo_to_Fc_free          ? 
_refine.pdbx_solvent_vdw_probe_radii             ? 
_refine.pdbx_solvent_ion_probe_radii             ? 
_refine.pdbx_solvent_shrinkage_radii             ? 
_refine.pdbx_overall_phase_error                 ? 
_refine.overall_SU_R_Cruickshank_DPI             ? 
_refine.pdbx_overall_SU_R_free_Cruickshank_DPI   ? 
_refine.pdbx_overall_SU_R_Blow_DPI               ? 
_refine.pdbx_overall_SU_R_free_Blow_DPI          ? 
# 
_refine_hist.pdbx_refine_id                   'X-RAY DIFFRACTION' 
_refine_hist.cycle_id                         LAST 
_refine_hist.pdbx_number_atoms_protein        0 
_refine_hist.pdbx_number_atoms_nucleic_acid   336 
_refine_hist.pdbx_number_atoms_ligand         0 
_refine_hist.number_atoms_solvent             30 
_refine_hist.number_atoms_total               366 
_refine_hist.d_res_high                       2.300 
_refine_hist.d_res_low                        8.000 
# 
_pdbx_xplor_file.serial_no        1 
_pdbx_xplor_file.param_file       'DNA_RNA_REP.PARAM WATER_R' 
_pdbx_xplor_file.topol_file       ? 
_pdbx_xplor_file.pdbx_refine_id   'X-RAY DIFFRACTION' 
# 
_struct.entry_id                  402D 
_struct.title                     "5'-R(*CP*GP*CP*CP*AP*GP*CP*G)-3'" 
_struct.pdbx_model_details        ? 
_struct.pdbx_CASP_flag            ? 
_struct.pdbx_model_type_details   ? 
# 
_struct_keywords.entry_id        402D 
_struct_keywords.pdbx_keywords   RNA 
_struct_keywords.text            'RNA DOUBLE HELIX, RNA WITH TANDEM C-A+ BASE PAIR, RNA' 
# 
loop_
_struct_asym.id 
_struct_asym.pdbx_blank_PDB_chainid_flag 
_struct_asym.pdbx_modified 
_struct_asym.entity_id 
_struct_asym.details 
A N N 1 ? 
B N N 1 ? 
C N N 2 ? 
D N N 2 ? 
# 
_struct_ref.id                         1 
_struct_ref.entity_id                  1 
_struct_ref.db_name                    PDB 
_struct_ref.db_code                    402D 
_struct_ref.pdbx_db_accession          402D 
_struct_ref.pdbx_db_isoform            ? 
_struct_ref.pdbx_seq_one_letter_code   ? 
_struct_ref.pdbx_align_begin           ? 
# 
loop_
_struct_ref_seq.align_id 
_struct_ref_seq.ref_id 
_struct_ref_seq.pdbx_PDB_id_code 
_struct_ref_seq.pdbx_strand_id 
_struct_ref_seq.seq_align_beg 
_struct_ref_seq.pdbx_seq_align_beg_ins_code 
_struct_ref_seq.seq_align_end 
_struct_ref_seq.pdbx_seq_align_end_ins_code 
_struct_ref_seq.pdbx_db_accession 
_struct_ref_seq.db_align_beg 
_struct_ref_seq.pdbx_db_align_beg_ins_code 
_struct_ref_seq.db_align_end 
_struct_ref_seq.pdbx_db_align_end_ins_code 
_struct_ref_seq.pdbx_auth_seq_align_beg 
_struct_ref_seq.pdbx_auth_seq_align_end 
1 1 402D A 1 ? 8 ? 402D 101 ? 108 ? 101 108 
2 1 402D B 1 ? 8 ? 402D 109 ? 116 ? 109 116 
# 
_pdbx_struct_assembly.id                   1 
_pdbx_struct_assembly.details              author_defined_assembly 
_pdbx_struct_assembly.method_details       ? 
_pdbx_struct_assembly.oligomeric_details   dimeric 
_pdbx_struct_assembly.oligomeric_count     2 
# 
_pdbx_struct_assembly_gen.assembly_id       1 
_pdbx_struct_assembly_gen.oper_expression   1 
_pdbx_struct_assembly_gen.asym_id_list      A,B,C,D 
# 
_pdbx_struct_oper_list.id                   1 
_pdbx_struct_oper_list.type                 'identity operation' 
_pdbx_struct_oper_list.name                 1_555 
_pdbx_struct_oper_list.symmetry_operation   x,y,z 
_pdbx_struct_oper_list.matrix[1][1]         1.0000000000 
_pdbx_struct_oper_list.matrix[1][2]         0.0000000000 
_pdbx_struct_oper_list.matrix[1][3]         0.0000000000 
_pdbx_struct_oper_list.vector[1]            0.0000000000 
_pdbx_struct_oper_list.matrix[2][1]         0.0000000000 
_pdbx_struct_oper_list.matrix[2][2]         1.0000000000 
_pdbx_struct_oper_list.matrix[2][3]         0.0000000000 
_pdbx_struct_oper_list.vector[2]            0.0000000000 
_pdbx_struct_oper_list.matrix[3][1]         0.0000000000 
_pdbx_struct_oper_list.matrix[3][2]         0.0000000000 
_pdbx_struct_oper_list.matrix[3][3]         1.0000000000 
_pdbx_struct_oper_list.vector[3]            0.0000000000 
# 
_struct_biol.id   1 
# 
loop_
_struct_conn.id 
_struct_conn.conn_type_id 
_struct_conn.pdbx_leaving_atom_flag 
_struct_conn.pdbx_PDB_id 
_struct_conn.ptnr1_label_asym_id 
_struct_conn.ptnr1_label_comp_id 
_struct_conn.ptnr1_label_seq_id 
_struct_conn.ptnr1_label_atom_id 
_struct_conn.pdbx_ptnr1_label_alt_id 
_struct_conn.pdbx_ptnr1_PDB_ins_code 
_struct_conn.pdbx_ptnr1_standard_comp_id 
_struct_conn.ptnr1_symmetry 
_struct_conn.ptnr2_label_asym_id 
_struct_conn.ptnr2_label_comp_id 
_struct_conn.ptnr2_label_seq_id 
_struct_conn.ptnr2_label_atom_id 
_struct_conn.pdbx_ptnr2_label_alt_id 
_struct_conn.pdbx_ptnr2_PDB_ins_code 
_struct_conn.ptnr1_auth_asym_id 
_struct_conn.ptnr1_auth_comp_id 
_struct_conn.ptnr1_auth_seq_id 
_struct_conn.ptnr2_auth_asym_id 
_struct_conn.ptnr2_auth_comp_id 
_struct_conn.ptnr2_auth_seq_id 
_struct_conn.ptnr2_symmetry 
_struct_conn.pdbx_ptnr3_label_atom_id 
_struct_conn.pdbx_ptnr3_label_seq_id 
_struct_conn.pdbx_ptnr3_label_comp_id 
_struct_conn.pdbx_ptnr3_label_asym_id 
_struct_conn.pdbx_ptnr3_label_alt_id 
_struct_conn.pdbx_ptnr3_PDB_ins_code 
_struct_conn.details 
_struct_conn.pdbx_dist_value 
_struct_conn.pdbx_value_order 
_struct_conn.pdbx_role 
hydrog1  hydrog ? ? A C 1 N3 ? ? ? 1_555 B G 8 N1 ? ? A C 101 B G 116 1_555 ? ? ? ? ? ? WATSON-CRICK  ? ? ? 
hydrog2  hydrog ? ? A C 1 N4 ? ? ? 1_555 B G 8 O6 ? ? A C 101 B G 116 1_555 ? ? ? ? ? ? WATSON-CRICK  ? ? ? 
hydrog3  hydrog ? ? A C 1 O2 ? ? ? 1_555 B G 8 N2 ? ? A C 101 B G 116 1_555 ? ? ? ? ? ? WATSON-CRICK  ? ? ? 
hydrog4  hydrog ? ? A G 2 N1 ? ? ? 1_555 B C 7 N3 ? ? A G 102 B C 115 1_555 ? ? ? ? ? ? WATSON-CRICK  ? ? ? 
hydrog5  hydrog ? ? A G 2 N2 ? ? ? 1_555 B C 7 O2 ? ? A G 102 B C 115 1_555 ? ? ? ? ? ? WATSON-CRICK  ? ? ? 
hydrog6  hydrog ? ? A G 2 O6 ? ? ? 1_555 B C 7 N4 ? ? A G 102 B C 115 1_555 ? ? ? ? ? ? WATSON-CRICK  ? ? ? 
hydrog7  hydrog ? ? A C 3 N3 ? ? ? 1_555 B G 6 N1 ? ? A C 103 B G 114 1_555 ? ? ? ? ? ? WATSON-CRICK  ? ? ? 
hydrog8  hydrog ? ? A C 3 N4 ? ? ? 1_555 B G 6 O6 ? ? A C 103 B G 114 1_555 ? ? ? ? ? ? WATSON-CRICK  ? ? ? 
hydrog9  hydrog ? ? A C 3 O2 ? ? ? 1_555 B G 6 N2 ? ? A C 103 B G 114 1_555 ? ? ? ? ? ? WATSON-CRICK  ? ? ? 
hydrog10 hydrog ? ? A C 4 O2 ? ? ? 1_555 B A 5 N6 ? ? A C 104 B A 113 1_555 ? ? ? ? ? ? 'C-A MISPAIR' ? ? ? 
hydrog11 hydrog ? ? A A 5 N6 ? ? ? 1_555 B C 4 O2 ? ? A A 105 B C 112 1_555 ? ? ? ? ? ? 'A-C MISPAIR' ? ? ? 
hydrog12 hydrog ? ? A G 6 N1 ? ? ? 1_555 B C 3 N3 ? ? A G 106 B C 111 1_555 ? ? ? ? ? ? WATSON-CRICK  ? ? ? 
hydrog13 hydrog ? ? A G 6 N2 ? ? ? 1_555 B C 3 O2 ? ? A G 106 B C 111 1_555 ? ? ? ? ? ? WATSON-CRICK  ? ? ? 
hydrog14 hydrog ? ? A G 6 O6 ? ? ? 1_555 B C 3 N4 ? ? A G 106 B C 111 1_555 ? ? ? ? ? ? WATSON-CRICK  ? ? ? 
hydrog15 hydrog ? ? A C 7 N3 ? ? ? 1_555 B G 2 N1 ? ? A C 107 B G 110 1_555 ? ? ? ? ? ? WATSON-CRICK  ? ? ? 
hydrog16 hydrog ? ? A C 7 N4 ? ? ? 1_555 B G 2 O6 ? ? A C 107 B G 110 1_555 ? ? ? ? ? ? WATSON-CRICK  ? ? ? 
hydrog17 hydrog ? ? A C 7 O2 ? ? ? 1_555 B G 2 N2 ? ? A C 107 B G 110 1_555 ? ? ? ? ? ? WATSON-CRICK  ? ? ? 
hydrog18 hydrog ? ? A G 8 N1 ? ? ? 1_555 B C 1 N3 ? ? A G 108 B C 109 1_555 ? ? ? ? ? ? WATSON-CRICK  ? ? ? 
hydrog19 hydrog ? ? A G 8 N2 ? ? ? 1_555 B C 1 O2 ? ? A G 108 B C 109 1_555 ? ? ? ? ? ? WATSON-CRICK  ? ? ? 
hydrog20 hydrog ? ? A G 8 O6 ? ? ? 1_555 B C 1 N4 ? ? A G 108 B C 109 1_555 ? ? ? ? ? ? WATSON-CRICK  ? ? ? 
# 
_struct_conn_type.id          hydrog 
_struct_conn_type.criteria    ? 
_struct_conn_type.reference   ? 
# 
_refine_B_iso.class            1 
_refine_B_iso.details          ? 
_refine_B_iso.treatment        ? 
_refine_B_iso.pdbx_refine_id   'X-RAY DIFFRACTION' 
# 
_refine_occupancy.class            1 
_refine_occupancy.treatment        ? 
_refine_occupancy.pdbx_refine_id   'X-RAY DIFFRACTION' 
# 
loop_
_chem_comp_atom.comp_id 
_chem_comp_atom.atom_id 
_chem_comp_atom.type_symbol 
_chem_comp_atom.pdbx_aromatic_flag 
_chem_comp_atom.pdbx_stereo_config 
_chem_comp_atom.pdbx_ordinal 
A   OP3    O N N 1   
A   P      P N N 2   
A   OP1    O N N 3   
A   OP2    O N N 4   
A   "O5'"  O N N 5   
A   "C5'"  C N N 6   
A   "C4'"  C N R 7   
A   "O4'"  O N N 8   
A   "C3'"  C N S 9   
A   "O3'"  O N N 10  
A   "C2'"  C N R 11  
A   "O2'"  O N N 12  
A   "C1'"  C N R 13  
A   N9     N Y N 14  
A   C8     C Y N 15  
A   N7     N Y N 16  
A   C5     C Y N 17  
A   C6     C Y N 18  
A   N6     N N N 19  
A   N1     N Y N 20  
A   C2     C Y N 21  
A   N3     N Y N 22  
A   C4     C Y N 23  
A   HOP3   H N N 24  
A   HOP2   H N N 25  
A   "H5'"  H N N 26  
A   "H5''" H N N 27  
A   "H4'"  H N N 28  
A   "H3'"  H N N 29  
A   "HO3'" H N N 30  
A   "H2'"  H N N 31  
A   "HO2'" H N N 32  
A   "H1'"  H N N 33  
A   H8     H N N 34  
A   H61    H N N 35  
A   H62    H N N 36  
A   H2     H N N 37  
C   OP3    O N N 38  
C   P      P N N 39  
C   OP1    O N N 40  
C   OP2    O N N 41  
C   "O5'"  O N N 42  
C   "C5'"  C N N 43  
C   "C4'"  C N R 44  
C   "O4'"  O N N 45  
C   "C3'"  C N S 46  
C   "O3'"  O N N 47  
C   "C2'"  C N R 48  
C   "O2'"  O N N 49  
C   "C1'"  C N R 50  
C   N1     N N N 51  
C   C2     C N N 52  
C   O2     O N N 53  
C   N3     N N N 54  
C   C4     C N N 55  
C   N4     N N N 56  
C   C5     C N N 57  
C   C6     C N N 58  
C   HOP3   H N N 59  
C   HOP2   H N N 60  
C   "H5'"  H N N 61  
C   "H5''" H N N 62  
C   "H4'"  H N N 63  
C   "H3'"  H N N 64  
C   "HO3'" H N N 65  
C   "H2'"  H N N 66  
C   "HO2'" H N N 67  
C   "H1'"  H N N 68  
C   H41    H N N 69  
C   H42    H N N 70  
C   H5     H N N 71  
C   H6     H N N 72  
G   OP3    O N N 73  
G   P      P N N 74  
G   OP1    O N N 75  
G   OP2    O N N 76  
G   "O5'"  O N N 77  
G   "C5'"  C N N 78  
G   "C4'"  C N R 79  
G   "O4'"  O N N 80  
G   "C3'"  C N S 81  
G   "O3'"  O N N 82  
G   "C2'"  C N R 83  
G   "O2'"  O N N 84  
G   "C1'"  C N R 85  
G   N9     N Y N 86  
G   C8     C Y N 87  
G   N7     N Y N 88  
G   C5     C Y N 89  
G   C6     C N N 90  
G   O6     O N N 91  
G   N1     N N N 92  
G   C2     C N N 93  
G   N2     N N N 94  
G   N3     N N N 95  
G   C4     C Y N 96  
G   HOP3   H N N 97  
G   HOP2   H N N 98  
G   "H5'"  H N N 99  
G   "H5''" H N N 100 
G   "H4'"  H N N 101 
G   "H3'"  H N N 102 
G   "HO3'" H N N 103 
G   "H2'"  H N N 104 
G   "HO2'" H N N 105 
G   "H1'"  H N N 106 
G   H8     H N N 107 
G   H1     H N N 108 
G   H21    H N N 109 
G   H22    H N N 110 
HOH O      O N N 111 
HOH H1     H N N 112 
HOH H2     H N N 113 
# 
loop_
_chem_comp_bond.comp_id 
_chem_comp_bond.atom_id_1 
_chem_comp_bond.atom_id_2 
_chem_comp_bond.value_order 
_chem_comp_bond.pdbx_aromatic_flag 
_chem_comp_bond.pdbx_stereo_config 
_chem_comp_bond.pdbx_ordinal 
A   OP3   P      sing N N 1   
A   OP3   HOP3   sing N N 2   
A   P     OP1    doub N N 3   
A   P     OP2    sing N N 4   
A   P     "O5'"  sing N N 5   
A   OP2   HOP2   sing N N 6   
A   "O5'" "C5'"  sing N N 7   
A   "C5'" "C4'"  sing N N 8   
A   "C5'" "H5'"  sing N N 9   
A   "C5'" "H5''" sing N N 10  
A   "C4'" "O4'"  sing N N 11  
A   "C4'" "C3'"  sing N N 12  
A   "C4'" "H4'"  sing N N 13  
A   "O4'" "C1'"  sing N N 14  
A   "C3'" "O3'"  sing N N 15  
A   "C3'" "C2'"  sing N N 16  
A   "C3'" "H3'"  sing N N 17  
A   "O3'" "HO3'" sing N N 18  
A   "C2'" "O2'"  sing N N 19  
A   "C2'" "C1'"  sing N N 20  
A   "C2'" "H2'"  sing N N 21  
A   "O2'" "HO2'" sing N N 22  
A   "C1'" N9     sing N N 23  
A   "C1'" "H1'"  sing N N 24  
A   N9    C8     sing Y N 25  
A   N9    C4     sing Y N 26  
A   C8    N7     doub Y N 27  
A   C8    H8     sing N N 28  
A   N7    C5     sing Y N 29  
A   C5    C6     sing Y N 30  
A   C5    C4     doub Y N 31  
A   C6    N6     sing N N 32  
A   C6    N1     doub Y N 33  
A   N6    H61    sing N N 34  
A   N6    H62    sing N N 35  
A   N1    C2     sing Y N 36  
A   C2    N3     doub Y N 37  
A   C2    H2     sing N N 38  
A   N3    C4     sing Y N 39  
C   OP3   P      sing N N 40  
C   OP3   HOP3   sing N N 41  
C   P     OP1    doub N N 42  
C   P     OP2    sing N N 43  
C   P     "O5'"  sing N N 44  
C   OP2   HOP2   sing N N 45  
C   "O5'" "C5'"  sing N N 46  
C   "C5'" "C4'"  sing N N 47  
C   "C5'" "H5'"  sing N N 48  
C   "C5'" "H5''" sing N N 49  
C   "C4'" "O4'"  sing N N 50  
C   "C4'" "C3'"  sing N N 51  
C   "C4'" "H4'"  sing N N 52  
C   "O4'" "C1'"  sing N N 53  
C   "C3'" "O3'"  sing N N 54  
C   "C3'" "C2'"  sing N N 55  
C   "C3'" "H3'"  sing N N 56  
C   "O3'" "HO3'" sing N N 57  
C   "C2'" "O2'"  sing N N 58  
C   "C2'" "C1'"  sing N N 59  
C   "C2'" "H2'"  sing N N 60  
C   "O2'" "HO2'" sing N N 61  
C   "C1'" N1     sing N N 62  
C   "C1'" "H1'"  sing N N 63  
C   N1    C2     sing N N 64  
C   N1    C6     sing N N 65  
C   C2    O2     doub N N 66  
C   C2    N3     sing N N 67  
C   N3    C4     doub N N 68  
C   C4    N4     sing N N 69  
C   C4    C5     sing N N 70  
C   N4    H41    sing N N 71  
C   N4    H42    sing N N 72  
C   C5    C6     doub N N 73  
C   C5    H5     sing N N 74  
C   C6    H6     sing N N 75  
G   OP3   P      sing N N 76  
G   OP3   HOP3   sing N N 77  
G   P     OP1    doub N N 78  
G   P     OP2    sing N N 79  
G   P     "O5'"  sing N N 80  
G   OP2   HOP2   sing N N 81  
G   "O5'" "C5'"  sing N N 82  
G   "C5'" "C4'"  sing N N 83  
G   "C5'" "H5'"  sing N N 84  
G   "C5'" "H5''" sing N N 85  
G   "C4'" "O4'"  sing N N 86  
G   "C4'" "C3'"  sing N N 87  
G   "C4'" "H4'"  sing N N 88  
G   "O4'" "C1'"  sing N N 89  
G   "C3'" "O3'"  sing N N 90  
G   "C3'" "C2'"  sing N N 91  
G   "C3'" "H3'"  sing N N 92  
G   "O3'" "HO3'" sing N N 93  
G   "C2'" "O2'"  sing N N 94  
G   "C2'" "C1'"  sing N N 95  
G   "C2'" "H2'"  sing N N 96  
G   "O2'" "HO2'" sing N N 97  
G   "C1'" N9     sing N N 98  
G   "C1'" "H1'"  sing N N 99  
G   N9    C8     sing Y N 100 
G   N9    C4     sing Y N 101 
G   C8    N7     doub Y N 102 
G   C8    H8     sing N N 103 
G   N7    C5     sing Y N 104 
G   C5    C6     sing N N 105 
G   C5    C4     doub Y N 106 
G   C6    O6     doub N N 107 
G   C6    N1     sing N N 108 
G   N1    C2     sing N N 109 
G   N1    H1     sing N N 110 
G   C2    N2     sing N N 111 
G   C2    N3     doub N N 112 
G   N2    H21    sing N N 113 
G   N2    H22    sing N N 114 
G   N3    C4     sing N N 115 
HOH O     H1     sing N N 116 
HOH O     H2     sing N N 117 
# 
loop_
_ndb_struct_conf_na.entry_id 
_ndb_struct_conf_na.feature 
402D 'double helix'         
402D 'a-form double helix'  
402D 'mismatched base pair' 
# 
loop_
_ndb_struct_na_base_pair.model_number 
_ndb_struct_na_base_pair.i_label_asym_id 
_ndb_struct_na_base_pair.i_label_comp_id 
_ndb_struct_na_base_pair.i_label_seq_id 
_ndb_struct_na_base_pair.i_symmetry 
_ndb_struct_na_base_pair.j_label_asym_id 
_ndb_struct_na_base_pair.j_label_comp_id 
_ndb_struct_na_base_pair.j_label_seq_id 
_ndb_struct_na_base_pair.j_symmetry 
_ndb_struct_na_base_pair.shear 
_ndb_struct_na_base_pair.stretch 
_ndb_struct_na_base_pair.stagger 
_ndb_struct_na_base_pair.buckle 
_ndb_struct_na_base_pair.propeller 
_ndb_struct_na_base_pair.opening 
_ndb_struct_na_base_pair.pair_number 
_ndb_struct_na_base_pair.pair_name 
_ndb_struct_na_base_pair.i_auth_asym_id 
_ndb_struct_na_base_pair.i_auth_seq_id 
_ndb_struct_na_base_pair.i_PDB_ins_code 
_ndb_struct_na_base_pair.j_auth_asym_id 
_ndb_struct_na_base_pair.j_auth_seq_id 
_ndb_struct_na_base_pair.j_PDB_ins_code 
_ndb_struct_na_base_pair.hbond_type_28 
_ndb_struct_na_base_pair.hbond_type_12 
1 A C 1 1_555 B G 8 1_555 0.225  -0.114 -0.120 5.161  -10.142 3.197  1 A_C101:G116_B A 101 ? B 116 ? 19 1 
1 A G 2 1_555 B C 7 1_555 -0.166 -0.078 -0.190 1.478  -13.061 6.198  2 A_G102:C115_B A 102 ? B 115 ? 19 1 
1 A C 3 1_555 B G 6 1_555 -0.007 -0.248 -0.313 6.728  -11.200 5.304  3 A_C103:G114_B A 103 ? B 114 ? 19 1 
1 A C 4 1_555 B A 5 1_555 3.882  -0.326 -0.593 8.988  -16.328 14.934 4 A_C104:A113_B A 104 ? B 113 ? ?  ? 
1 A A 5 1_555 B C 4 1_555 -3.749 -0.723 -0.015 -2.062 -10.296 7.965  5 A_A105:C112_B A 105 ? B 112 ? ?  1 
1 A G 6 1_555 B C 3 1_555 -0.081 -0.071 -0.489 -9.258 -19.715 3.475  6 A_G106:C111_B A 106 ? B 111 ? 19 1 
1 A C 7 1_555 B G 2 1_555 0.311  -0.146 0.266  -5.789 -15.943 4.022  7 A_C107:G110_B A 107 ? B 110 ? 19 1 
1 A G 8 1_555 B C 1 1_555 0.526  -0.329 -0.060 -6.289 -11.460 -1.168 8 A_G108:C109_B A 108 ? B 109 ? 19 1 
# 
loop_
_ndb_struct_na_base_pair_step.model_number 
_ndb_struct_na_base_pair_step.i_label_asym_id_1 
_ndb_struct_na_base_pair_step.i_label_comp_id_1 
_ndb_struct_na_base_pair_step.i_label_seq_id_1 
_ndb_struct_na_base_pair_step.i_symmetry_1 
_ndb_struct_na_base_pair_step.j_label_asym_id_1 
_ndb_struct_na_base_pair_step.j_label_comp_id_1 
_ndb_struct_na_base_pair_step.j_label_seq_id_1 
_ndb_struct_na_base_pair_step.j_symmetry_1 
_ndb_struct_na_base_pair_step.i_label_asym_id_2 
_ndb_struct_na_base_pair_step.i_label_comp_id_2 
_ndb_struct_na_base_pair_step.i_label_seq_id_2 
_ndb_struct_na_base_pair_step.i_symmetry_2 
_ndb_struct_na_base_pair_step.j_label_asym_id_2 
_ndb_struct_na_base_pair_step.j_label_comp_id_2 
_ndb_struct_na_base_pair_step.j_label_seq_id_2 
_ndb_struct_na_base_pair_step.j_symmetry_2 
_ndb_struct_na_base_pair_step.shift 
_ndb_struct_na_base_pair_step.slide 
_ndb_struct_na_base_pair_step.rise 
_ndb_struct_na_base_pair_step.tilt 
_ndb_struct_na_base_pair_step.roll 
_ndb_struct_na_base_pair_step.twist 
_ndb_struct_na_base_pair_step.x_displacement 
_ndb_struct_na_base_pair_step.y_displacement 
_ndb_struct_na_base_pair_step.helical_rise 
_ndb_struct_na_base_pair_step.inclination 
_ndb_struct_na_base_pair_step.tip 
_ndb_struct_na_base_pair_step.helical_twist 
_ndb_struct_na_base_pair_step.step_number 
_ndb_struct_na_base_pair_step.step_name 
_ndb_struct_na_base_pair_step.i_auth_asym_id_1 
_ndb_struct_na_base_pair_step.i_auth_seq_id_1 
_ndb_struct_na_base_pair_step.i_PDB_ins_code_1 
_ndb_struct_na_base_pair_step.j_auth_asym_id_1 
_ndb_struct_na_base_pair_step.j_auth_seq_id_1 
_ndb_struct_na_base_pair_step.j_PDB_ins_code_1 
_ndb_struct_na_base_pair_step.i_auth_asym_id_2 
_ndb_struct_na_base_pair_step.i_auth_seq_id_2 
_ndb_struct_na_base_pair_step.i_PDB_ins_code_2 
_ndb_struct_na_base_pair_step.j_auth_asym_id_2 
_ndb_struct_na_base_pair_step.j_auth_seq_id_2 
_ndb_struct_na_base_pair_step.j_PDB_ins_code_2 
1 A C 1 1_555 B G 8 1_555 A G 2 1_555 B C 7 1_555 -0.158 -1.364 3.339 -4.070 8.502  34.504 -3.422 -0.317 2.930 14.012  6.707   
35.730  1 AA_C101G102:C115G116_BB A 101 ? B 116 ? A 102 ? B 115 ? 
1 A G 2 1_555 B C 7 1_555 A C 3 1_555 B G 6 1_555 0.134  -1.576 3.162 1.891  1.768  31.751 -3.179 0.085  3.075 3.224   -3.449  
31.854  2 AA_G102C103:G114C115_BB A 102 ? B 115 ? A 103 ? B 114 ? 
1 A C 3 1_555 B G 6 1_555 A C 4 1_555 B A 5 1_555 0.900  -1.141 3.176 6.161  8.950  45.608 -2.148 -0.642 3.004 11.356  -7.818  
46.818  3 AA_C103C104:A113G114_BB A 103 ? B 114 ? A 104 ? B 113 ? 
1 A C 4 1_555 B A 5 1_555 A A 5 1_555 B C 4 1_555 -1.094 -2.891 3.045 -5.420 20.073 -1.445 -6.337 -6.893 2.712 -83.093 -22.436 
-20.842 4 AA_C104A105:C112A113_BB A 104 ? B 113 ? A 105 ? B 112 ? 
1 A A 5 1_555 B C 4 1_555 A G 6 1_555 B C 3 1_555 -0.030 -1.184 3.606 -1.469 16.349 42.810 -3.016 -0.096 2.986 21.478  1.930   
45.711  5 AA_A105G106:C111C112_BB A 105 ? B 112 ? A 106 ? B 111 ? 
1 A G 6 1_555 B C 3 1_555 A C 7 1_555 B G 2 1_555 0.200  -1.253 3.164 -6.496 5.990  35.059 -2.809 -1.177 2.838 9.753   10.577  
36.122  6 AA_G106C107:G110C111_BB A 106 ? B 111 ? A 107 ? B 110 ? 
1 A C 7 1_555 B G 2 1_555 A G 8 1_555 B C 1 1_555 -0.497 -1.569 3.172 3.043  7.672  32.351 -3.892 1.325  2.684 13.497  -5.353  
33.360  7 AA_C107G108:C109G110_BB A 107 ? B 110 ? A 108 ? B 109 ? 
# 
_atom_sites.entry_id                    402D 
_atom_sites.fract_transf_matrix[1][1]   -0.00863597 
_atom_sites.fract_transf_matrix[1][2]   -0.02436412 
_atom_sites.fract_transf_matrix[1][3]   0.00786231 
_atom_sites.fract_transf_matrix[2][1]   0.01169542 
_atom_sites.fract_transf_matrix[2][2]   -0.02229283 
_atom_sites.fract_transf_matrix[2][3]   -0.00981189 
_atom_sites.fract_transf_matrix[3][1]   0.00528943 
_atom_sites.fract_transf_matrix[3][2]   0.00009214 
_atom_sites.fract_transf_matrix[3][3]   0.00609545 
_atom_sites.fract_transf_vector[1]      0.266225 
_atom_sites.fract_transf_vector[2]      0.219081 
_atom_sites.fract_transf_vector[3]      0.249497 
# 
loop_
_atom_type.symbol 
C 
N 
O 
P 
# 
loop_
_atom_site.group_PDB 
_atom_site.id 
_atom_site.type_symbol 
_atom_site.label_atom_id 
_atom_site.label_alt_id 
_atom_site.label_comp_id 
_atom_site.label_asym_id 
_atom_site.label_entity_id 
_atom_site.label_seq_id 
_atom_site.pdbx_PDB_ins_code 
_atom_site.Cartn_x 
_atom_site.Cartn_y 
_atom_site.Cartn_z 
_atom_site.occupancy 
_atom_site.B_iso_or_equiv 
_atom_site.pdbx_formal_charge 
_atom_site.auth_seq_id 
_atom_site.auth_comp_id 
_atom_site.auth_asym_id 
_atom_site.auth_atom_id 
_atom_site.pdbx_PDB_model_num 
ATOM   1   O "O5'" . C   A 1 1 ? 4.767   -10.350 3.174   1.00 51.79 ? 101 C   A "O5'" 1 
ATOM   2   C "C5'" . C   A 1 1 ? 4.099   -11.567 3.496   1.00 55.54 ? 101 C   A "C5'" 1 
ATOM   3   C "C4'" . C   A 1 1 ? 3.443   -11.494 4.853   1.00 56.73 ? 101 C   A "C4'" 1 
ATOM   4   O "O4'" . C   A 1 1 ? 4.379   -10.919 5.805   1.00 59.96 ? 101 C   A "O4'" 1 
ATOM   5   C "C3'" . C   A 1 1 ? 2.223   -10.592 4.945   1.00 62.30 ? 101 C   A "C3'" 1 
ATOM   6   O "O3'" . C   A 1 1 ? 1.047   -11.275 4.528   1.00 64.21 ? 101 C   A "O3'" 1 
ATOM   7   C "C2'" . C   A 1 1 ? 2.184   -10.262 6.432   1.00 58.49 ? 101 C   A "C2'" 1 
ATOM   8   O "O2'" . C   A 1 1 ? 1.621   -11.310 7.190   1.00 50.94 ? 101 C   A "O2'" 1 
ATOM   9   C "C1'" . C   A 1 1 ? 3.676   -10.129 6.751   1.00 55.72 ? 101 C   A "C1'" 1 
ATOM   10  N N1    . C   A 1 1 ? 4.178   -8.751  6.662   1.00 54.00 ? 101 C   A N1    1 
ATOM   11  C C2    . C   A 1 1 ? 3.868   -7.848  7.685   1.00 57.38 ? 101 C   A C2    1 
ATOM   12  O O2    . C   A 1 1 ? 3.162   -8.228  8.626   1.00 57.47 ? 101 C   A O2    1 
ATOM   13  N N3    . C   A 1 1 ? 4.354   -6.588  7.626   1.00 58.04 ? 101 C   A N3    1 
ATOM   14  C C4    . C   A 1 1 ? 5.115   -6.214  6.590   1.00 56.87 ? 101 C   A C4    1 
ATOM   15  N N4    . C   A 1 1 ? 5.563   -4.955  6.568   1.00 53.17 ? 101 C   A N4    1 
ATOM   16  C C5    . C   A 1 1 ? 5.442   -7.113  5.532   1.00 51.13 ? 101 C   A C5    1 
ATOM   17  C C6    . C   A 1 1 ? 4.961   -8.361  5.610   1.00 54.92 ? 101 C   A C6    1 
ATOM   18  P P     . G   A 1 2 ? -0.152  -10.452 3.840   1.00 67.22 ? 102 G   A P     1 
ATOM   19  O OP1   . G   A 1 2 ? -1.106  -11.436 3.256   1.00 50.81 ? 102 G   A OP1   1 
ATOM   20  O OP2   . G   A 1 2 ? 0.489   -9.440  2.959   1.00 62.55 ? 102 G   A OP2   1 
ATOM   21  O "O5'" . G   A 1 2 ? -0.858  -9.704  5.063   1.00 50.59 ? 102 G   A "O5'" 1 
ATOM   22  C "C5'" . G   A 1 2 ? -1.590  -10.447 6.035   1.00 47.66 ? 102 G   A "C5'" 1 
ATOM   23  C "C4'" . G   A 1 2 ? -2.045  -9.556  7.176   1.00 47.49 ? 102 G   A "C4'" 1 
ATOM   24  O "O4'" . G   A 1 2 ? -0.913  -9.097  7.967   1.00 50.86 ? 102 G   A "O4'" 1 
ATOM   25  C "C3'" . G   A 1 2 ? -2.783  -8.286  6.802   1.00 49.30 ? 102 G   A "C3'" 1 
ATOM   26  O "O3'" . G   A 1 2 ? -4.152  -8.544  6.519   1.00 52.11 ? 102 G   A "O3'" 1 
ATOM   27  C "C2'" . G   A 1 2 ? -2.590  -7.443  8.053   1.00 49.06 ? 102 G   A "C2'" 1 
ATOM   28  O "O2'" . G   A 1 2 ? -3.399  -7.879  9.119   1.00 46.26 ? 102 G   A "O2'" 1 
ATOM   29  C "C1'" . G   A 1 2 ? -1.136  -7.761  8.391   1.00 52.11 ? 102 G   A "C1'" 1 
ATOM   30  N N9    . G   A 1 2 ? -0.195  -6.906  7.674   1.00 56.78 ? 102 G   A N9    1 
ATOM   31  C C8    . G   A 1 2 ? 0.551   -7.255  6.578   1.00 53.08 ? 102 G   A C8    1 
ATOM   32  N N7    . G   A 1 2 ? 1.321   -6.292  6.156   1.00 56.04 ? 102 G   A N7    1 
ATOM   33  C C5    . G   A 1 2 ? 1.051   -5.234  7.009   1.00 51.19 ? 102 G   A C5    1 
ATOM   34  C C6    . G   A 1 2 ? 1.576   -3.920  7.026   1.00 57.21 ? 102 G   A C6    1 
ATOM   35  O O6    . G   A 1 2 ? 2.406   -3.413  6.266   1.00 58.42 ? 102 G   A O6    1 
ATOM   36  N N1    . G   A 1 2 ? 1.031   -3.167  8.059   1.00 56.95 ? 102 G   A N1    1 
ATOM   37  C C2    . G   A 1 2 ? 0.079   -3.610  8.941   1.00 55.57 ? 102 G   A C2    1 
ATOM   38  N N2    . G   A 1 2 ? -0.322  -2.727  9.873   1.00 53.60 ? 102 G   A N2    1 
ATOM   39  N N3    . G   A 1 2 ? -0.422  -4.838  8.932   1.00 55.68 ? 102 G   A N3    1 
ATOM   40  C C4    . G   A 1 2 ? 0.103   -5.588  7.941   1.00 55.08 ? 102 G   A C4    1 
ATOM   41  P P     . C   A 1 3 ? -4.857  -7.791  5.289   1.00 53.29 ? 103 C   A P     1 
ATOM   42  O OP1   . C   A 1 3 ? -6.181  -8.420  5.051   1.00 46.11 ? 103 C   A OP1   1 
ATOM   43  O OP2   . C   A 1 3 ? -3.864  -7.749  4.187   1.00 44.60 ? 103 C   A OP2   1 
ATOM   44  O "O5'" . C   A 1 3 ? -5.092  -6.320  5.863   1.00 49.43 ? 103 C   A "O5'" 1 
ATOM   45  C "C5'" . C   A 1 3 ? -5.877  -6.128  7.041   1.00 54.52 ? 103 C   A "C5'" 1 
ATOM   46  C "C4'" . C   A 1 3 ? -5.740  -4.712  7.563   1.00 54.13 ? 103 C   A "C4'" 1 
ATOM   47  O "O4'" . C   A 1 3 ? -4.381  -4.466  8.015   1.00 54.93 ? 103 C   A "O4'" 1 
ATOM   48  C "C3'" . C   A 1 3 ? -6.000  -3.579  6.585   1.00 54.21 ? 103 C   A "C3'" 1 
ATOM   49  O "O3'" . C   A 1 3 ? -7.388  -3.355  6.373   1.00 42.79 ? 103 C   A "O3'" 1 
ATOM   50  C "C2'" . C   A 1 3 ? -5.309  -2.412  7.283   1.00 54.47 ? 103 C   A "C2'" 1 
ATOM   51  O "O2'" . C   A 1 3 ? -6.040  -1.869  8.361   1.00 54.15 ? 103 C   A "O2'" 1 
ATOM   52  C "C1'" . C   A 1 3 ? -4.056  -3.097  7.825   1.00 52.13 ? 103 C   A "C1'" 1 
ATOM   53  N N1    . C   A 1 3 ? -2.941  -3.008  6.872   1.00 52.52 ? 103 C   A N1    1 
ATOM   54  C C2    . C   A 1 3 ? -2.189  -1.832  6.838   1.00 54.87 ? 103 C   A C2    1 
ATOM   55  O O2    . C   A 1 3 ? -2.451  -0.937  7.655   1.00 58.42 ? 103 C   A O2    1 
ATOM   56  N N3    . C   A 1 3 ? -1.175  -1.715  5.945   1.00 53.70 ? 103 C   A N3    1 
ATOM   57  C C4    . C   A 1 3 ? -0.922  -2.713  5.092   1.00 55.30 ? 103 C   A C4    1 
ATOM   58  N N4    . C   A 1 3 ? 0.085   -2.563  4.229   1.00 53.84 ? 103 C   A N4    1 
ATOM   59  C C5    . C   A 1 3 ? -1.707  -3.904  5.072   1.00 52.61 ? 103 C   A C5    1 
ATOM   60  C C6    . C   A 1 3 ? -2.704  -4.006  5.967   1.00 50.96 ? 103 C   A C6    1 
ATOM   61  P P     . C   A 1 4 ? -7.918  -3.011  4.894   1.00 55.63 ? 104 C   A P     1 
ATOM   62  O OP1   . C   A 1 4 ? -9.402  -2.937  4.957   1.00 54.65 ? 104 C   A OP1   1 
ATOM   63  O OP2   . C   A 1 4 ? -7.271  -3.907  3.895   1.00 49.50 ? 104 C   A OP2   1 
ATOM   64  O "O5'" . C   A 1 4 ? -7.368  -1.541  4.639   1.00 55.87 ? 104 C   A "O5'" 1 
ATOM   65  C "C5'" . C   A 1 4 ? -7.671  -0.486  5.537   1.00 49.99 ? 104 C   A "C5'" 1 
ATOM   66  C "C4'" . C   A 1 4 ? -6.748  0.676   5.287   1.00 55.48 ? 104 C   A "C4'" 1 
ATOM   67  O "O4'" . C   A 1 4 ? -5.391  0.305   5.659   1.00 51.04 ? 104 C   A "O4'" 1 
ATOM   68  C "C3'" . C   A 1 4 ? -6.629  1.098   3.832   1.00 53.71 ? 104 C   A "C3'" 1 
ATOM   69  O "O3'" . C   A 1 4 ? -7.699  1.937   3.422   1.00 49.83 ? 104 C   A "O3'" 1 
ATOM   70  C "C2'" . C   A 1 4 ? -5.279  1.800   3.825   1.00 54.23 ? 104 C   A "C2'" 1 
ATOM   71  O "O2'" . C   A 1 4 ? -5.330  3.100   4.376   1.00 55.98 ? 104 C   A "O2'" 1 
ATOM   72  C "C1'" . C   A 1 4 ? -4.472  0.886   4.749   1.00 53.46 ? 104 C   A "C1'" 1 
ATOM   73  N N1    . C   A 1 4 ? -3.817  -0.192  3.998   1.00 52.16 ? 104 C   A N1    1 
ATOM   74  C C2    . C   A 1 4 ? -2.560  0.051   3.438   1.00 50.33 ? 104 C   A C2    1 
ATOM   75  O O2    . C   A 1 4 ? -2.002  1.131   3.671   1.00 44.97 ? 104 C   A O2    1 
ATOM   76  N N3    . C   A 1 4 ? -1.968  -0.912  2.696   1.00 52.40 ? 104 C   A N3    1 
ATOM   77  C C4    . C   A 1 4 ? -2.613  -2.054  2.450   1.00 48.32 ? 104 C   A C4    1 
ATOM   78  N N4    . C   A 1 4 ? -1.986  -2.982  1.728   1.00 43.83 ? 104 C   A N4    1 
ATOM   79  C C5    . C   A 1 4 ? -3.917  -2.309  2.968   1.00 53.25 ? 104 C   A C5    1 
ATOM   80  C C6    . C   A 1 4 ? -4.475  -1.359  3.731   1.00 51.10 ? 104 C   A C6    1 
ATOM   81  P P     . A   A 1 5 ? -7.990  2.138   1.856   1.00 58.09 ? 105 A   A P     1 
ATOM   82  O OP1   . A   A 1 5 ? -9.448  2.373   1.696   1.00 56.91 ? 105 A   A OP1   1 
ATOM   83  O OP2   . A   A 1 5 ? -7.349  1.029   1.108   1.00 57.32 ? 105 A   A OP2   1 
ATOM   84  O "O5'" . A   A 1 5 ? -7.200  3.480   1.511   1.00 60.03 ? 105 A   A "O5'" 1 
ATOM   85  C "C5'" . A   A 1 5 ? -7.485  4.695   2.203   1.00 51.88 ? 105 A   A "C5'" 1 
ATOM   86  C "C4'" . A   A 1 5 ? -6.648  5.829   1.652   1.00 51.38 ? 105 A   A "C4'" 1 
ATOM   87  O "O4'" . A   A 1 5 ? -5.262  5.687   2.061   1.00 44.13 ? 105 A   A "O4'" 1 
ATOM   88  C "C3'" . A   A 1 5 ? -6.565  5.927   0.140   1.00 55.60 ? 105 A   A "C3'" 1 
ATOM   89  O "O3'" . A   A 1 5 ? -7.712  6.534   -0.434  1.00 53.75 ? 105 A   A "O3'" 1 
ATOM   90  C "C2'" . A   A 1 5 ? -5.310  6.764   -0.053  1.00 52.32 ? 105 A   A "C2'" 1 
ATOM   91  O "O2'" . A   A 1 5 ? -5.532  8.144   0.145   1.00 55.53 ? 105 A   A "O2'" 1 
ATOM   92  C "C1'" . A   A 1 5 ? -4.411  6.209   1.050   1.00 53.02 ? 105 A   A "C1'" 1 
ATOM   93  N N9    . A   A 1 5 ? -3.543  5.137   0.558   1.00 53.40 ? 105 A   A N9    1 
ATOM   94  C C8    . A   A 1 5 ? -3.706  3.779   0.672   1.00 50.17 ? 105 A   A C8    1 
ATOM   95  N N7    . A   A 1 5 ? -2.763  3.083   0.080   1.00 47.62 ? 105 A   A N7    1 
ATOM   96  C C5    . A   A 1 5 ? -1.941  4.046   -0.483  1.00 51.76 ? 105 A   A C5    1 
ATOM   97  C C6    . A   A 1 5 ? -0.769  3.959   -1.255  1.00 55.46 ? 105 A   A C6    1 
ATOM   98  N N6    . A   A 1 5 ? -0.185  2.810   -1.599  1.00 52.73 ? 105 A   A N6    1 
ATOM   99  N N1    . A   A 1 5 ? -0.190  5.114   -1.644  1.00 59.35 ? 105 A   A N1    1 
ATOM   100 C C2    . A   A 1 5 ? -0.764  6.269   -1.292  1.00 51.91 ? 105 A   A C2    1 
ATOM   101 N N3    . A   A 1 5 ? -1.868  6.478   -0.587  1.00 50.56 ? 105 A   A N3    1 
ATOM   102 C C4    . A   A 1 5 ? -2.411  5.314   -0.201  1.00 50.41 ? 105 A   A C4    1 
ATOM   103 P P     . G   A 1 6 ? -8.282  5.969   -1.825  1.00 62.97 ? 106 G   A P     1 
ATOM   104 O OP1   . G   A 1 6 ? -9.489  6.759   -2.164  1.00 63.11 ? 106 G   A OP1   1 
ATOM   105 O OP2   . G   A 1 6 ? -8.374  4.489   -1.703  1.00 63.55 ? 106 G   A OP2   1 
ATOM   106 O "O5'" . G   A 1 6 ? -7.148  6.315   -2.886  1.00 52.53 ? 106 G   A "O5'" 1 
ATOM   107 C "C5'" . G   A 1 6 ? -6.729  7.655   -3.075  1.00 55.50 ? 106 G   A "C5'" 1 
ATOM   108 C "C4'" . G   A 1 6 ? -5.516  7.706   -3.961  1.00 51.67 ? 106 G   A "C4'" 1 
ATOM   109 O "O4'" . G   A 1 6 ? -4.374  7.112   -3.290  1.00 54.76 ? 106 G   A "O4'" 1 
ATOM   110 C "C3'" . G   A 1 6 ? -5.585  6.922   -5.255  1.00 53.77 ? 106 G   A "C3'" 1 
ATOM   111 O "O3'" . G   A 1 6 ? -6.330  7.617   -6.237  1.00 58.87 ? 106 G   A "O3'" 1 
ATOM   112 C "C2'" . G   A 1 6 ? -4.115  6.853   -5.635  1.00 56.92 ? 106 G   A "C2'" 1 
ATOM   113 O "O2'" . G   A 1 6 ? -3.656  8.071   -6.191  1.00 56.26 ? 106 G   A "O2'" 1 
ATOM   114 C "C1'" . G   A 1 6 ? -3.467  6.623   -4.267  1.00 57.37 ? 106 G   A "C1'" 1 
ATOM   115 N N9    . G   A 1 6 ? -3.226  5.204   -4.024  1.00 55.19 ? 106 G   A N9    1 
ATOM   116 C C8    . G   A 1 6 ? -4.013  4.334   -3.314  1.00 51.81 ? 106 G   A C8    1 
ATOM   117 N N7    . G   A 1 6 ? -3.565  3.108   -3.334  1.00 54.94 ? 106 G   A N7    1 
ATOM   118 C C5    . G   A 1 6 ? -2.420  3.171   -4.116  1.00 54.92 ? 106 G   A C5    1 
ATOM   119 C C6    . G   A 1 6 ? -1.505  2.150   -4.502  1.00 51.72 ? 106 G   A C6    1 
ATOM   120 O O6    . G   A 1 6 ? -1.522  0.950   -4.213  1.00 52.17 ? 106 G   A O6    1 
ATOM   121 N N1    . G   A 1 6 ? -0.488  2.650   -5.302  1.00 48.14 ? 106 G   A N1    1 
ATOM   122 C C2    . G   A 1 6 ? -0.366  3.959   -5.696  1.00 54.84 ? 106 G   A C2    1 
ATOM   123 N N2    . G   A 1 6 ? 0.689   4.246   -6.477  1.00 54.00 ? 106 G   A N2    1 
ATOM   124 N N3    . G   A 1 6 ? -1.212  4.919   -5.350  1.00 58.21 ? 106 G   A N3    1 
ATOM   125 C C4    . G   A 1 6 ? -2.208  4.454   -4.564  1.00 56.66 ? 106 G   A C4    1 
ATOM   126 P P     . C   A 1 7 ? -7.009  6.801   -7.442  1.00 58.11 ? 107 C   A P     1 
ATOM   127 O OP1   . C   A 1 7 ? -7.878  7.762   -8.173  1.00 54.48 ? 107 C   A OP1   1 
ATOM   128 O OP2   . C   A 1 7 ? -7.591  5.549   -6.895  1.00 50.32 ? 107 C   A OP2   1 
ATOM   129 O "O5'" . C   A 1 7 ? -5.785  6.404   -8.381  1.00 59.04 ? 107 C   A "O5'" 1 
ATOM   130 C "C5'" . C   A 1 7 ? -5.021  7.403   -9.050  1.00 57.81 ? 107 C   A "C5'" 1 
ATOM   131 C "C4'" . C   A 1 7 ? -3.803  6.783   -9.699  1.00 58.09 ? 107 C   A "C4'" 1 
ATOM   132 O "O4'" . C   A 1 7 ? -2.970  6.172   -8.676  1.00 53.06 ? 107 C   A "O4'" 1 
ATOM   133 C "C3'" . C   A 1 7 ? -4.054  5.642   -10.678 1.00 59.25 ? 107 C   A "C3'" 1 
ATOM   134 O "O3'" . C   A 1 7 ? -4.378  6.113   -11.978 1.00 61.37 ? 107 C   A "O3'" 1 
ATOM   135 C "C2'" . C   A 1 7 ? -2.706  4.945   -10.689 1.00 53.50 ? 107 C   A "C2'" 1 
ATOM   136 O "O2'" . C   A 1 7 ? -1.769  5.655   -11.474 1.00 50.05 ? 107 C   A "O2'" 1 
ATOM   137 C "C1'" . C   A 1 7 ? -2.322  5.030   -9.213  1.00 52.47 ? 107 C   A "C1'" 1 
ATOM   138 N N1    . C   A 1 7 ? -2.760  3.853   -8.460  1.00 56.41 ? 107 C   A N1    1 
ATOM   139 C C2    . C   A 1 7 ? -2.053  2.665   -8.623  1.00 57.43 ? 107 C   A C2    1 
ATOM   140 O O2    . C   A 1 7 ? -1.085  2.654   -9.397  1.00 59.09 ? 107 C   A O2    1 
ATOM   141 N N3    . C   A 1 7 ? -2.447  1.561   -7.946  1.00 55.62 ? 107 C   A N3    1 
ATOM   142 C C4    . C   A 1 7 ? -3.504  1.619   -7.135  1.00 53.39 ? 107 C   A C4    1 
ATOM   143 N N4    . C   A 1 7 ? -3.844  0.514   -6.472  1.00 52.84 ? 107 C   A N4    1 
ATOM   144 C C5    . C   A 1 7 ? -4.248  2.823   -6.954  1.00 53.61 ? 107 C   A C5    1 
ATOM   145 C C6    . C   A 1 7 ? -3.854  3.900   -7.642  1.00 53.86 ? 107 C   A C6    1 
ATOM   146 P P     . G   A 1 8 ? -5.354  5.244   -12.911 1.00 65.20 ? 108 G   A P     1 
ATOM   147 O OP1   . G   A 1 8 ? -5.799  6.139   -14.011 1.00 55.64 ? 108 G   A OP1   1 
ATOM   148 O OP2   . G   A 1 8 ? -6.361  4.603   -12.022 1.00 52.36 ? 108 G   A OP2   1 
ATOM   149 O "O5'" . G   A 1 8 ? -4.425  4.089   -13.507 1.00 60.53 ? 108 G   A "O5'" 1 
ATOM   150 C "C5'" . G   A 1 8 ? -3.279  4.388   -14.302 1.00 51.55 ? 108 G   A "C5'" 1 
ATOM   151 C "C4'" . G   A 1 8 ? -2.430  3.145   -14.481 1.00 57.40 ? 108 G   A "C4'" 1 
ATOM   152 O "O4'" . G   A 1 8 ? -2.013  2.648   -13.180 1.00 56.87 ? 108 G   A "O4'" 1 
ATOM   153 C "C3'" . G   A 1 8 ? -3.108  1.943   -15.123 1.00 61.46 ? 108 G   A "C3'" 1 
ATOM   154 O "O3'" . G   A 1 8 ? -3.320  2.005   -16.541 1.00 64.67 ? 108 G   A "O3'" 1 
ATOM   155 C "C2'" . G   A 1 8 ? -2.243  0.783   -14.643 1.00 62.02 ? 108 G   A "C2'" 1 
ATOM   156 O "O2'" . G   A 1 8 ? -1.051  0.637   -15.388 1.00 67.38 ? 108 G   A "O2'" 1 
ATOM   157 C "C1'" . G   A 1 8 ? -1.891  1.234   -13.225 1.00 61.24 ? 108 G   A "C1'" 1 
ATOM   158 N N9    . G   A 1 8 ? -2.713  0.658   -12.165 1.00 63.17 ? 108 G   A N9    1 
ATOM   159 C C8    . G   A 1 8 ? -3.726  1.278   -11.469 1.00 59.67 ? 108 G   A C8    1 
ATOM   160 N N7    . G   A 1 8 ? -4.230  0.531   -10.521 1.00 56.48 ? 108 G   A N7    1 
ATOM   161 C C5    . G   A 1 8 ? -3.497  -0.648  -10.584 1.00 55.98 ? 108 G   A C5    1 
ATOM   162 C C6    . G   A 1 8 ? -3.587  -1.831  -9.801  1.00 52.77 ? 108 G   A C6    1 
ATOM   163 O O6    . G   A 1 8 ? -4.355  -2.081  -8.869  1.00 55.29 ? 108 G   A O6    1 
ATOM   164 N N1    . G   A 1 8 ? -2.655  -2.780  -10.199 1.00 49.09 ? 108 G   A N1    1 
ATOM   165 C C2    . G   A 1 8 ? -1.760  -2.624  -11.227 1.00 54.71 ? 108 G   A C2    1 
ATOM   166 N N2    . G   A 1 8 ? -0.939  -3.662  -11.447 1.00 51.25 ? 108 G   A N2    1 
ATOM   167 N N3    . G   A 1 8 ? -1.658  -1.527  -11.964 1.00 51.40 ? 108 G   A N3    1 
ATOM   168 C C4    . G   A 1 8 ? -2.556  -0.587  -11.592 1.00 57.56 ? 108 G   A C4    1 
ATOM   169 O "O5'" . C   B 1 1 ? -0.631  -10.234 -5.711  1.00 70.63 ? 109 C   B "O5'" 1 
ATOM   170 C "C5'" . C   B 1 1 ? 0.107   -10.945 -6.688  1.00 61.46 ? 109 C   B "C5'" 1 
ATOM   171 C "C4'" . C   B 1 1 ? 0.535   -10.105 -7.869  1.00 62.05 ? 109 C   B "C4'" 1 
ATOM   172 O "O4'" . C   B 1 1 ? -0.618  -9.636  -8.625  1.00 63.44 ? 109 C   B "O4'" 1 
ATOM   173 C "C3'" . C   B 1 1 ? 1.289   -8.819  -7.580  1.00 64.53 ? 109 C   B "C3'" 1 
ATOM   174 O "O3'" . C   B 1 1 ? 2.645   -9.059  -7.232  1.00 74.10 ? 109 C   B "O3'" 1 
ATOM   175 C "C2'" . C   B 1 1 ? 1.164   -8.103  -8.917  1.00 58.36 ? 109 C   B "C2'" 1 
ATOM   176 O "O2'" . C   B 1 1 ? 2.033   -8.655  -9.887  1.00 51.05 ? 109 C   B "O2'" 1 
ATOM   177 C "C1'" . C   B 1 1 ? -0.288  -8.420  -9.288  1.00 58.50 ? 109 C   B "C1'" 1 
ATOM   178 N N1    . C   B 1 1 ? -1.215  -7.361  -8.844  1.00 56.81 ? 109 C   B N1    1 
ATOM   179 C C2    . C   B 1 1 ? -1.351  -6.213  -9.636  1.00 56.01 ? 109 C   B C2    1 
ATOM   180 O O2    . C   B 1 1 ? -0.755  -6.159  -10.721 1.00 61.20 ? 109 C   B O2    1 
ATOM   181 N N3    . C   B 1 1 ? -2.158  -5.210  -9.216  1.00 56.96 ? 109 C   B N3    1 
ATOM   182 C C4    . C   B 1 1 ? -2.791  -5.308  -8.042  1.00 59.14 ? 109 C   B C4    1 
ATOM   183 N N4    . C   B 1 1 ? -3.570  -4.291  -7.666  1.00 54.38 ? 109 C   B N4    1 
ATOM   184 C C5    . C   B 1 1 ? -2.651  -6.453  -7.201  1.00 54.98 ? 109 C   B C5    1 
ATOM   185 C C6    . C   B 1 1 ? -1.847  -7.441  -7.631  1.00 60.22 ? 109 C   B C6    1 
ATOM   186 P P     . G   B 1 2 ? 3.428   -7.994  -6.317  1.00 73.82 ? 110 G   B P     1 
ATOM   187 O OP1   . G   B 1 2 ? 4.718   -8.630  -5.935  1.00 74.10 ? 110 G   B OP1   1 
ATOM   188 O OP2   . G   B 1 2 ? 2.505   -7.516  -5.256  1.00 72.29 ? 110 G   B OP2   1 
ATOM   189 O "O5'" . G   B 1 2 ? 3.701   -6.783  -7.317  1.00 63.58 ? 110 G   B "O5'" 1 
ATOM   190 C "C5'" . G   B 1 2 ? 4.366   -7.003  -8.557  1.00 59.78 ? 110 G   B "C5'" 1 
ATOM   191 C "C4'" . G   B 1 2 ? 4.245   -5.788  -9.446  1.00 57.01 ? 110 G   B "C4'" 1 
ATOM   192 O "O4'" . G   B 1 2 ? 2.856   -5.585  -9.820  1.00 61.76 ? 110 G   B "O4'" 1 
ATOM   193 C "C3'" . G   B 1 2 ? 4.646   -4.463  -8.829  1.00 58.10 ? 110 G   B "C3'" 1 
ATOM   194 O "O3'" . G   B 1 2 ? 6.052   -4.276  -8.840  1.00 58.09 ? 110 G   B "O3'" 1 
ATOM   195 C "C2'" . G   B 1 2 ? 3.916   -3.474  -9.725  1.00 58.38 ? 110 G   B "C2'" 1 
ATOM   196 O "O2'" . G   B 1 2 ? 4.558   -3.292  -10.971 1.00 65.62 ? 110 G   B "O2'" 1 
ATOM   197 C "C1'" . G   B 1 2 ? 2.586   -4.196  -9.931  1.00 56.32 ? 110 G   B "C1'" 1 
ATOM   198 N N9    . G   B 1 2 ? 1.580   -3.842  -8.932  1.00 56.08 ? 110 G   B N9    1 
ATOM   199 C C8    . G   B 1 2 ? 1.190   -4.586  -7.841  1.00 52.13 ? 110 G   B C8    1 
ATOM   200 N N7    . G   B 1 2 ? 0.271   -4.000  -7.121  1.00 50.49 ? 110 G   B N7    1 
ATOM   201 C C5    . G   B 1 2 ? 0.035   -2.797  -7.778  1.00 51.82 ? 110 G   B C5    1 
ATOM   202 C C6    . G   B 1 2 ? -0.867  -1.732  -7.469  1.00 51.88 ? 110 G   B C6    1 
ATOM   203 O O6    . G   B 1 2 ? -1.667  -1.640  -6.521  1.00 42.19 ? 110 G   B O6    1 
ATOM   204 N N1    . G   B 1 2 ? -0.772  -0.700  -8.399  1.00 51.06 ? 110 G   B N1    1 
ATOM   205 C C2    . G   B 1 2 ? 0.086   -0.679  -9.473  1.00 50.33 ? 110 G   B C2    1 
ATOM   206 N N2    . G   B 1 2 ? 0.029   0.406   -10.255 1.00 53.27 ? 110 G   B N2    1 
ATOM   207 N N3    . G   B 1 2 ? 0.913   -1.667  -9.781  1.00 51.75 ? 110 G   B N3    1 
ATOM   208 C C4    . G   B 1 2 ? 0.842   -2.681  -8.891  1.00 52.49 ? 110 G   B C4    1 
ATOM   209 P P     . C   B 1 3 ? 6.766   -3.535  -7.601  1.00 64.77 ? 111 C   B P     1 
ATOM   210 O OP1   . C   B 1 3 ? 8.229   -3.725  -7.776  1.00 66.42 ? 111 C   B OP1   1 
ATOM   211 O OP2   . C   B 1 3 ? 6.118   -3.965  -6.333  1.00 51.99 ? 111 C   B OP2   1 
ATOM   212 O "O5'" . C   B 1 3 ? 6.450   -1.997  -7.866  1.00 56.11 ? 111 C   B "O5'" 1 
ATOM   213 C "C5'" . C   B 1 3 ? 6.989   -1.350  -9.013  1.00 60.90 ? 111 C   B "C5'" 1 
ATOM   214 C "C4'" . C   B 1 3 ? 6.418   0.037   -9.153  1.00 62.11 ? 111 C   B "C4'" 1 
ATOM   215 O "O4'" . C   B 1 3 ? 4.996   -0.052  -9.417  1.00 57.58 ? 111 C   B "O4'" 1 
ATOM   216 C "C3'" . C   B 1 3 ? 6.497   0.925   -7.924  1.00 63.88 ? 111 C   B "C3'" 1 
ATOM   217 O "O3'" . C   B 1 3 ? 7.767   1.531   -7.767  1.00 64.54 ? 111 C   B "O3'" 1 
ATOM   218 C "C2'" . C   B 1 3 ? 5.411   1.946   -8.212  1.00 62.45 ? 111 C   B "C2'" 1 
ATOM   219 O "O2'" . C   B 1 3 ? 5.809   2.938   -9.136  1.00 63.06 ? 111 C   B "O2'" 1 
ATOM   220 C "C1'" . C   B 1 3 ? 4.334   1.052   -8.824  1.00 60.78 ? 111 C   B "C1'" 1 
ATOM   221 N N1    . C   B 1 3 ? 3.432   0.537   -7.794  1.00 54.55 ? 111 C   B N1    1 
ATOM   222 C C2    . C   B 1 3 ? 2.299   1.272   -7.480  1.00 55.34 ? 111 C   B C2    1 
ATOM   223 O O2    . C   B 1 3 ? 2.058   2.300   -8.131  1.00 57.34 ? 111 C   B O2    1 
ATOM   224 N N3    . C   B 1 3 ? 1.456   0.813   -6.531  1.00 50.44 ? 111 C   B N3    1 
ATOM   225 C C4    . C   B 1 3 ? 1.752   -0.299  -5.862  1.00 49.67 ? 111 C   B C4    1 
ATOM   226 N N4    . C   B 1 3 ? 0.905   -0.703  -4.916  1.00 55.81 ? 111 C   B N4    1 
ATOM   227 C C5    . C   B 1 3 ? 2.931   -1.048  -6.133  1.00 55.79 ? 111 C   B C5    1 
ATOM   228 C C6    . C   B 1 3 ? 3.742   -0.592  -7.092  1.00 50.44 ? 111 C   B C6    1 
ATOM   229 P P     . C   B 1 4 ? 8.370   1.714   -6.292  1.00 65.27 ? 112 C   B P     1 
ATOM   230 O OP1   . C   B 1 4 ? 9.738   2.293   -6.434  1.00 67.33 ? 112 C   B OP1   1 
ATOM   231 O OP2   . C   B 1 4 ? 8.181   0.443   -5.551  1.00 67.99 ? 112 C   B OP2   1 
ATOM   232 O "O5'" . C   B 1 4 ? 7.414   2.798   -5.633  1.00 59.38 ? 112 C   B "O5'" 1 
ATOM   233 C "C5'" . C   B 1 4 ? 7.301   4.093   -6.200  1.00 61.08 ? 112 C   B "C5'" 1 
ATOM   234 C "C4'" . C   B 1 4 ? 6.370   4.929   -5.371  1.00 60.62 ? 112 C   B "C4'" 1 
ATOM   235 O "O4'" . C   B 1 4 ? 4.990   4.562   -5.636  1.00 60.44 ? 112 C   B "O4'" 1 
ATOM   236 C "C3'" . C   B 1 4 ? 6.525   4.716   -3.881  1.00 61.11 ? 112 C   B "C3'" 1 
ATOM   237 O "O3'" . C   B 1 4 ? 7.640   5.408   -3.349  1.00 60.93 ? 112 C   B "O3'" 1 
ATOM   238 C "C2'" . C   B 1 4 ? 5.179   5.189   -3.362  1.00 59.05 ? 112 C   B "C2'" 1 
ATOM   239 O "O2'" . C   B 1 4 ? 5.073   6.593   -3.310  1.00 72.81 ? 112 C   B "O2'" 1 
ATOM   240 C "C1'" . C   B 1 4 ? 4.245   4.613   -4.429  1.00 62.73 ? 112 C   B "C1'" 1 
ATOM   241 N N1    . C   B 1 4 ? 3.868   3.241   -4.076  1.00 62.03 ? 112 C   B N1    1 
ATOM   242 C C2    . C   B 1 4 ? 2.698   3.028   -3.339  1.00 60.63 ? 112 C   B C2    1 
ATOM   243 O O2    . C   B 1 4 ? 1.940   3.990   -3.119  1.00 61.54 ? 112 C   B O2    1 
ATOM   244 N N3    . C   B 1 4 ? 2.393   1.774   -2.942  1.00 57.76 ? 112 C   B N3    1 
ATOM   245 C C4    . C   B 1 4 ? 3.242   0.773   -3.186  1.00 57.08 ? 112 C   B C4    1 
ATOM   246 N N4    . C   B 1 4 ? 2.910   -0.445  -2.772  1.00 62.70 ? 112 C   B N4    1 
ATOM   247 C C5    . C   B 1 4 ? 4.457   0.973   -3.896  1.00 61.94 ? 112 C   B C5    1 
ATOM   248 C C6    . C   B 1 4 ? 4.734   2.210   -4.308  1.00 59.65 ? 112 C   B C6    1 
ATOM   249 P P     . A   B 1 5 ? 8.038   5.191   -1.812  1.00 57.98 ? 113 A   B P     1 
ATOM   250 O OP1   . A   B 1 5 ? 9.428   5.684   -1.653  1.00 62.46 ? 113 A   B OP1   1 
ATOM   251 O OP2   . A   B 1 5 ? 7.706   3.812   -1.394  1.00 59.38 ? 113 A   B OP2   1 
ATOM   252 O "O5'" . A   B 1 5 ? 7.033   6.177   -1.071  1.00 56.86 ? 113 A   B "O5'" 1 
ATOM   253 C "C5'" . A   B 1 5 ? 6.642   5.960   0.272   1.00 52.78 ? 113 A   B "C5'" 1 
ATOM   254 C "C4'" . A   B 1 5 ? 5.515   6.898   0.632   1.00 54.12 ? 113 A   B "C4'" 1 
ATOM   255 O "O4'" . A   B 1 5 ? 4.390   6.669   -0.261  1.00 49.40 ? 113 A   B "O4'" 1 
ATOM   256 C "C3'" . A   B 1 5 ? 4.947   6.714   2.029   1.00 54.28 ? 113 A   B "C3'" 1 
ATOM   257 O "O3'" . A   B 1 5 ? 5.702   7.442   2.991   1.00 47.86 ? 113 A   B "O3'" 1 
ATOM   258 C "C2'" . A   B 1 5 ? 3.534   7.245   1.857   1.00 53.09 ? 113 A   B "C2'" 1 
ATOM   259 O "O2'" . A   B 1 5 ? 3.504   8.656   1.799   1.00 56.60 ? 113 A   B "O2'" 1 
ATOM   260 C "C1'" . A   B 1 5 ? 3.184   6.670   0.485   1.00 55.06 ? 113 A   B "C1'" 1 
ATOM   261 N N9    . A   B 1 5 ? 2.721   5.286   0.569   1.00 57.01 ? 113 A   B N9    1 
ATOM   262 C C8    . A   B 1 5 ? 3.336   4.180   0.038   1.00 62.20 ? 113 A   B C8    1 
ATOM   263 N N7    . A   B 1 5 ? 2.715   3.055   0.293   1.00 59.20 ? 113 A   B N7    1 
ATOM   264 C C5    . A   B 1 5 ? 1.620   3.445   1.047   1.00 57.90 ? 113 A   B C5    1 
ATOM   265 C C6    . A   B 1 5 ? 0.573   2.718   1.624   1.00 57.42 ? 113 A   B C6    1 
ATOM   266 N N6    . A   B 1 5 ? 0.450   1.393   1.519   1.00 54.47 ? 113 A   B N6    1 
ATOM   267 N N1    . A   B 1 5 ? -0.359  3.405   2.318   1.00 59.03 ? 113 A   B N1    1 
ATOM   268 C C2    . A   B 1 5 ? -0.237  4.736   2.410   1.00 60.94 ? 113 A   B C2    1 
ATOM   269 N N3    . A   B 1 5 ? 0.701   5.532   1.905   1.00 58.85 ? 113 A   B N3    1 
ATOM   270 C C4    . A   B 1 5 ? 1.612   4.816   1.228   1.00 56.64 ? 113 A   B C4    1 
ATOM   271 P P     . G   B 1 6 ? 6.203   6.701   4.325   1.00 52.35 ? 114 G   B P     1 
ATOM   272 O OP1   . G   B 1 6 ? 7.089   7.632   5.067   1.00 47.71 ? 114 G   B OP1   1 
ATOM   273 O OP2   . G   B 1 6 ? 6.710   5.359   3.936   1.00 51.10 ? 114 G   B OP2   1 
ATOM   274 O "O5'" . G   B 1 6 ? 4.871   6.528   5.182   1.00 48.68 ? 114 G   B "O5'" 1 
ATOM   275 C "C5'" . G   B 1 6 ? 4.156   7.675   5.629   1.00 49.26 ? 114 G   B "C5'" 1 
ATOM   276 C "C4'" . G   B 1 6 ? 2.873   7.265   6.305   1.00 49.07 ? 114 G   B "C4'" 1 
ATOM   277 O "O4'" . G   B 1 6 ? 2.003   6.595   5.353   1.00 47.36 ? 114 G   B "O4'" 1 
ATOM   278 C "C3'" . G   B 1 6 ? 3.025   6.260   7.426   1.00 51.95 ? 114 G   B "C3'" 1 
ATOM   279 O "O3'" . G   B 1 6 ? 3.414   6.882   8.644   1.00 48.35 ? 114 G   B "O3'" 1 
ATOM   280 C "C2'" . G   B 1 6 ? 1.627   5.662   7.500   1.00 47.72 ? 114 G   B "C2'" 1 
ATOM   281 O "O2'" . G   B 1 6 ? 0.732   6.515   8.181   1.00 40.06 ? 114 G   B "O2'" 1 
ATOM   282 C "C1'" . G   B 1 6 ? 1.256   5.589   6.017   1.00 45.53 ? 114 G   B "C1'" 1 
ATOM   283 N N9    . G   B 1 6 ? 1.581   4.307   5.400   1.00 49.34 ? 114 G   B N9    1 
ATOM   284 C C8    . G   B 1 6 ? 2.613   4.052   4.532   1.00 51.83 ? 114 G   B C8    1 
ATOM   285 N N7    . G   B 1 6 ? 2.652   2.810   4.134   1.00 47.24 ? 114 G   B N7    1 
ATOM   286 C C5    . G   B 1 6 ? 1.585   2.207   4.781   1.00 47.15 ? 114 G   B C5    1 
ATOM   287 C C6    . G   B 1 6 ? 1.132   0.866   4.746   1.00 44.02 ? 114 G   B C6    1 
ATOM   288 O O6    . G   B 1 6 ? 1.594   -0.084  4.108   1.00 50.41 ? 114 G   B O6    1 
ATOM   289 N N1    . G   B 1 6 ? 0.009   0.685   5.544   1.00 40.94 ? 114 G   B N1    1 
ATOM   290 C C2    . G   B 1 6 ? -0.594  1.668   6.284   1.00 43.65 ? 114 G   B C2    1 
ATOM   291 N N2    . G   B 1 6 ? -1.651  1.293   7.005   1.00 44.16 ? 114 G   B N2    1 
ATOM   292 N N3    . G   B 1 6 ? -0.174  2.921   6.337   1.00 47.66 ? 114 G   B N3    1 
ATOM   293 C C4    . G   B 1 6 ? 0.910   3.119   5.563   1.00 47.16 ? 114 G   B C4    1 
ATOM   294 P P     . C   B 1 7 ? 4.231   6.030   9.727   1.00 46.71 ? 115 C   B P     1 
ATOM   295 O OP1   . C   B 1 7 ? 4.655   6.929   10.828  1.00 48.95 ? 115 C   B OP1   1 
ATOM   296 O OP2   . C   B 1 7 ? 5.253   5.272   8.954   1.00 44.41 ? 115 C   B OP2   1 
ATOM   297 O "O5'" . C   B 1 7 ? 3.143   5.022   10.311  1.00 46.15 ? 115 C   B "O5'" 1 
ATOM   298 C "C5'" . C   B 1 7 ? 2.025   5.516   11.042  1.00 50.58 ? 115 C   B "C5'" 1 
ATOM   299 C "C4'" . C   B 1 7 ? 1.055   4.401   11.355  1.00 49.25 ? 115 C   B "C4'" 1 
ATOM   300 O "O4'" . C   B 1 7 ? 0.523   3.848   10.125  1.00 48.80 ? 115 C   B "O4'" 1 
ATOM   301 C "C3'" . C   B 1 7 ? 1.620   3.199   12.087  1.00 45.74 ? 115 C   B "C3'" 1 
ATOM   302 O "O3'" . C   B 1 7 ? 1.697   3.457   13.482  1.00 51.29 ? 115 C   B "O3'" 1 
ATOM   303 C "C2'" . C   B 1 7 ? 0.599   2.122   11.749  1.00 44.00 ? 115 C   B "C2'" 1 
ATOM   304 O "O2'" . C   B 1 7 ? -0.572  2.203   12.534  1.00 48.42 ? 115 C   B "O2'" 1 
ATOM   305 C "C1'" . C   B 1 7 ? 0.268   2.466   10.298  1.00 46.06 ? 115 C   B "C1'" 1 
ATOM   306 N N1    . C   B 1 7 ? 1.100   1.722   9.347   1.00 49.26 ? 115 C   B N1    1 
ATOM   307 C C2    . C   B 1 7 ? 0.787   0.389   9.093   1.00 54.06 ? 115 C   B C2    1 
ATOM   308 O O2    . C   B 1 7 ? -0.207  -0.102  9.644   1.00 56.83 ? 115 C   B O2    1 
ATOM   309 N N3    . C   B 1 7 ? 1.569   -0.329  8.250   1.00 56.91 ? 115 C   B N3    1 
ATOM   310 C C4    . C   B 1 7 ? 2.635   0.240   7.685   1.00 49.88 ? 115 C   B C4    1 
ATOM   311 N N4    . C   B 1 7 ? 3.370   -0.498  6.849   1.00 45.73 ? 115 C   B N4    1 
ATOM   312 C C5    . C   B 1 7 ? 2.982   1.602   7.936   1.00 50.86 ? 115 C   B C5    1 
ATOM   313 C C6    . C   B 1 7 ? 2.201   2.295   8.775   1.00 46.02 ? 115 C   B C6    1 
ATOM   314 P P     . G   B 1 8 ? 2.735   2.631   14.394  1.00 57.13 ? 116 G   B P     1 
ATOM   315 O OP1   . G   B 1 8 ? 2.617   3.195   15.762  1.00 60.06 ? 116 G   B OP1   1 
ATOM   316 O OP2   . G   B 1 8 ? 4.064   2.602   13.732  1.00 59.17 ? 116 G   B OP2   1 
ATOM   317 O "O5'" . G   B 1 8 ? 2.154   1.141   14.400  1.00 53.14 ? 116 G   B "O5'" 1 
ATOM   318 C "C5'" . G   B 1 8 ? 0.937   0.826   15.074  1.00 46.46 ? 116 G   B "C5'" 1 
ATOM   319 C "C4'" . G   B 1 8 ? 0.648   -0.657  14.983  1.00 49.47 ? 116 G   B "C4'" 1 
ATOM   320 O "O4'" . G   B 1 8 ? 0.452   -1.039  13.598  1.00 50.60 ? 116 G   B "O4'" 1 
ATOM   321 C "C3'" . G   B 1 8 ? 1.737   -1.595  15.482  1.00 48.44 ? 116 G   B "C3'" 1 
ATOM   322 O "O3'" . G   B 1 8 ? 1.784   -1.734  16.907  1.00 55.87 ? 116 G   B "O3'" 1 
ATOM   323 C "C2'" . G   B 1 8 ? 1.416   -2.885  14.740  1.00 49.04 ? 116 G   B "C2'" 1 
ATOM   324 O "O2'" . G   B 1 8 ? 0.371   -3.626  15.339  1.00 56.69 ? 116 G   B "O2'" 1 
ATOM   325 C "C1'" . G   B 1 8 ? 0.953   -2.346  13.386  1.00 49.02 ? 116 G   B "C1'" 1 
ATOM   326 N N9    . G   B 1 8 ? 2.006   -2.269  12.377  1.00 50.34 ? 116 G   B N9    1 
ATOM   327 C C8    . G   B 1 8 ? 2.794   -1.181  12.087  1.00 49.22 ? 116 G   B C8    1 
ATOM   328 N N7    . G   B 1 8 ? 3.620   -1.397  11.100  1.00 53.05 ? 116 G   B N7    1 
ATOM   329 C C5    . G   B 1 8 ? 3.359   -2.705  10.709  1.00 54.25 ? 116 G   B C5    1 
ATOM   330 C C6    . G   B 1 8 ? 3.940   -3.493  9.676   1.00 54.59 ? 116 G   B C6    1 
ATOM   331 O O6    . G   B 1 8 ? 4.842   -3.187  8.885   1.00 54.47 ? 116 G   B O6    1 
ATOM   332 N N1    . G   B 1 8 ? 3.380   -4.766  9.627   1.00 54.08 ? 116 G   B N1    1 
ATOM   333 C C2    . G   B 1 8 ? 2.394   -5.226  10.461  1.00 54.77 ? 116 G   B C2    1 
ATOM   334 N N2    . G   B 1 8 ? 1.981   -6.481  10.247  1.00 50.75 ? 116 G   B N2    1 
ATOM   335 N N3    . G   B 1 8 ? 1.832   -4.499  11.414  1.00 58.00 ? 116 G   B N3    1 
ATOM   336 C C4    . G   B 1 8 ? 2.363   -3.257  11.485  1.00 53.11 ? 116 G   B C4    1 
HETATM 337 O O     . HOH C 2 . ? -10.399 6.133   -6.360  1.00 39.85 ? 501 HOH A O     1 
HETATM 338 O O     . HOH C 2 . ? 0.719   -4.606  2.516   1.00 46.83 ? 506 HOH A O     1 
HETATM 339 O O     . HOH C 2 . ? 4.069   -2.413  4.658   1.00 44.45 ? 507 HOH A O     1 
HETATM 340 O O     . HOH C 2 . ? 2.364   -6.780  4.030   1.00 50.03 ? 508 HOH A O     1 
HETATM 341 O O     . HOH C 2 . ? 0.603   4.006   -12.680 1.00 53.14 ? 509 HOH A O     1 
HETATM 342 O O     . HOH C 2 . ? -6.535  -0.814  -6.623  1.00 54.56 ? 511 HOH A O     1 
HETATM 343 O O     . HOH C 2 . ? 2.148   -8.732  1.106   1.00 62.13 ? 513 HOH A O     1 
HETATM 344 O O     . HOH C 2 . ? -1.887  -5.547  11.140  1.00 65.93 ? 514 HOH A O     1 
HETATM 345 O O     . HOH C 2 . ? -3.486  -9.345  2.261   1.00 59.45 ? 515 HOH A O     1 
HETATM 346 O O     . HOH C 2 . ? -7.017  3.247   -9.151  1.00 54.43 ? 518 HOH A O     1 
HETATM 347 O O     . HOH C 2 . ? -3.083  9.320   -1.669  1.00 59.63 ? 521 HOH A O     1 
HETATM 348 O O     . HOH C 2 . ? -4.288  -5.955  10.659  1.00 66.22 ? 523 HOH A O     1 
HETATM 349 O O     . HOH C 2 . ? -9.092  -2.371  8.068   1.00 69.31 ? 527 HOH A O     1 
HETATM 350 O O     . HOH C 2 . ? -7.469  4.466   -4.617  1.00 91.69 ? 529 HOH A O     1 
HETATM 351 O O     . HOH D 2 . ? 1.559   3.989   -10.316 1.00 50.95 ? 502 HOH B O     1 
HETATM 352 O O     . HOH D 2 . ? 0.064   -7.261  12.579  1.00 51.05 ? 503 HOH B O     1 
HETATM 353 O O     . HOH D 2 . ? 6.618   -0.039  12.023  1.00 57.72 ? 504 HOH B O     1 
HETATM 354 O O     . HOH D 2 . ? -2.136  0.457   11.114  1.00 58.11 ? 505 HOH B O     1 
HETATM 355 O O     . HOH D 2 . ? 1.215   -7.583  -11.797 1.00 49.69 ? 510 HOH B O     1 
HETATM 356 O O     . HOH D 2 . ? 1.921   8.101   -1.976  1.00 78.38 ? 512 HOH B O     1 
HETATM 357 O O     . HOH D 2 . ? 5.692   2.392   -1.103  1.00 53.99 ? 516 HOH B O     1 
HETATM 358 O O     . HOH D 2 . ? 0.966   -3.199  -3.846  1.00 53.60 ? 517 HOH B O     1 
HETATM 359 O O     . HOH D 2 . ? 9.462   3.349   -9.090  1.00 63.26 ? 519 HOH B O     1 
HETATM 360 O O     . HOH D 2 . ? 12.662  2.125   -6.032  1.00 52.28 ? 520 HOH B O     1 
HETATM 361 O O     . HOH D 2 . ? 1.393   8.855   9.821   1.00 48.16 ? 522 HOH B O     1 
HETATM 362 O O     . HOH D 2 . ? 6.632   -2.638  7.080   1.00 86.78 ? 524 HOH B O     1 
HETATM 363 O O     . HOH D 2 . ? -0.062  7.799   2.655   1.00 54.26 ? 525 HOH B O     1 
HETATM 364 O O     . HOH D 2 . ? 6.193   -0.579  8.681   1.00 52.16 ? 526 HOH B O     1 
HETATM 365 O O     . HOH D 2 . ? -3.314  -1.994  -4.114  1.00 62.53 ? 528 HOH B O     1 
HETATM 366 O O     . HOH D 2 . ? 2.320   6.707   -3.786  1.00 82.33 ? 530 HOH B O     1 
# 
